data_9C00
# 
_entry.id   9C00 
# 
_audit_conform.dict_name       mmcif_pdbx.dic 
_audit_conform.dict_version    5.407 
_audit_conform.dict_location   http://mmcif.pdb.org/dictionaries/ascii/mmcif_pdbx.dic 
# 
loop_
_database_2.database_id 
_database_2.database_code 
_database_2.pdbx_database_accession 
_database_2.pdbx_DOI 
PDB   9C00         pdb_00009c00 10.2210/pdb9c00/pdb 
WWPDB D_1000282898 ?            ?                   
# 
loop_
_pdbx_audit_revision_history.ordinal 
_pdbx_audit_revision_history.data_content_type 
_pdbx_audit_revision_history.major_revision 
_pdbx_audit_revision_history.minor_revision 
_pdbx_audit_revision_history.revision_date 
_pdbx_audit_revision_history.part_number 
1 'Structure model' 1 0 2025-11-26 ? 
2 'Structure model' 2 0 2025-12-03 ? 
# 
loop_
_pdbx_audit_revision_details.ordinal 
_pdbx_audit_revision_details.revision_ordinal 
_pdbx_audit_revision_details.data_content_type 
_pdbx_audit_revision_details.provider 
_pdbx_audit_revision_details.type 
_pdbx_audit_revision_details.description 
_pdbx_audit_revision_details.details 
1 1 'Structure model' repository 'Initial release'        ?                 ? 
2 2 'Structure model' author     'Coordinate replacement' 'Ligand identity' 
'One S-(1-chloroethyl)benzene was replaced with R-(1-chloroethyl)benzene.' 
# 
loop_
_pdbx_audit_revision_group.ordinal 
_pdbx_audit_revision_group.revision_ordinal 
_pdbx_audit_revision_group.data_content_type 
_pdbx_audit_revision_group.group 
1 2 'Structure model' Advisory                     
2 2 'Structure model' 'Atomic model'               
3 2 'Structure model' 'Author supporting evidence' 
4 2 'Structure model' 'Data collection'            
5 2 'Structure model' 'Derived calculations'       
6 2 'Structure model' 'Non-polymer description'    
7 2 'Structure model' Other                        
8 2 'Structure model' 'Refinement description'     
9 2 'Structure model' 'Structure summary'          
# 
loop_
_pdbx_audit_revision_category.ordinal 
_pdbx_audit_revision_category.revision_ordinal 
_pdbx_audit_revision_category.data_content_type 
_pdbx_audit_revision_category.category 
1  2 'Structure model' atom_site                    
2  2 'Structure model' atom_site_anisotrop          
3  2 'Structure model' atom_sites                   
4  2 'Structure model' audit_author                 
5  2 'Structure model' cell                         
6  2 'Structure model' chem_comp                    
7  2 'Structure model' chem_comp_atom               
8  2 'Structure model' chem_comp_bond               
9  2 'Structure model' entity                       
10 2 'Structure model' pdbx_entity_instance_feature 
11 2 'Structure model' pdbx_entity_nonpoly          
12 2 'Structure model' pdbx_nonpoly_scheme          
13 2 'Structure model' pdbx_struct_assembly_gen     
14 2 'Structure model' pdbx_validate_close_contact  
15 2 'Structure model' refine                       
16 2 'Structure model' refine_hist                  
17 2 'Structure model' refine_ls_restr              
18 2 'Structure model' refine_ls_shell              
19 2 'Structure model' software                     
20 2 'Structure model' struct_asym                  
21 2 'Structure model' struct_conn                  
# 
loop_
_pdbx_audit_revision_item.ordinal 
_pdbx_audit_revision_item.revision_ordinal 
_pdbx_audit_revision_item.data_content_type 
_pdbx_audit_revision_item.item 
1  2 'Structure model' '_atom_site.B_iso_or_equiv'               
2  2 'Structure model' '_atom_site.Cartn_x'                      
3  2 'Structure model' '_atom_site.Cartn_y'                      
4  2 'Structure model' '_atom_site.Cartn_z'                      
5  2 'Structure model' '_atom_site.auth_atom_id'                 
6  2 'Structure model' '_atom_site.auth_comp_id'                 
7  2 'Structure model' '_atom_site.auth_seq_id'                  
8  2 'Structure model' '_atom_site.label_alt_id'                 
9  2 'Structure model' '_atom_site.label_asym_id'                
10 2 'Structure model' '_atom_site.label_atom_id'                
11 2 'Structure model' '_atom_site.label_comp_id'                
12 2 'Structure model' '_atom_site.label_entity_id'              
13 2 'Structure model' '_atom_site.occupancy'                    
14 2 'Structure model' '_atom_site.type_symbol'                  
15 2 'Structure model' '_atom_site_anisotrop.U[1][1]'            
16 2 'Structure model' '_atom_site_anisotrop.U[1][2]'            
17 2 'Structure model' '_atom_site_anisotrop.U[1][3]'            
18 2 'Structure model' '_atom_site_anisotrop.U[2][2]'            
19 2 'Structure model' '_atom_site_anisotrop.U[2][3]'            
20 2 'Structure model' '_atom_site_anisotrop.U[3][3]'            
21 2 'Structure model' '_atom_site_anisotrop.id'                 
22 2 'Structure model' '_atom_site_anisotrop.pdbx_auth_atom_id'  
23 2 'Structure model' '_atom_site_anisotrop.pdbx_auth_comp_id'  
24 2 'Structure model' '_atom_site_anisotrop.pdbx_auth_seq_id'   
25 2 'Structure model' '_atom_site_anisotrop.pdbx_label_alt_id'  
26 2 'Structure model' '_atom_site_anisotrop.pdbx_label_asym_id' 
27 2 'Structure model' '_atom_site_anisotrop.pdbx_label_atom_id' 
28 2 'Structure model' '_atom_site_anisotrop.pdbx_label_comp_id' 
29 2 'Structure model' '_atom_site_anisotrop.type_symbol'        
30 2 'Structure model' '_atom_sites.fract_transf_matrix[1][3]'   
31 2 'Structure model' '_cell.angle_beta'                        
32 2 'Structure model' '_cell.volume'                            
33 2 'Structure model' '_chem_comp.formula'                      
34 2 'Structure model' '_chem_comp.formula_weight'               
35 2 'Structure model' '_chem_comp.id'                           
36 2 'Structure model' '_chem_comp.mon_nstd_flag'                
37 2 'Structure model' '_chem_comp.name'                         
38 2 'Structure model' '_chem_comp.type'                         
39 2 'Structure model' '_pdbx_struct_assembly_gen.asym_id_list'  
40 2 'Structure model' '_pdbx_validate_close_contact.dist'       
41 2 'Structure model' '_refine.B_iso_mean'                      
42 2 'Structure model' '_refine.ls_R_factor_R_free'              
43 2 'Structure model' '_refine.ls_R_factor_R_work'              
44 2 'Structure model' '_refine.ls_R_factor_obs'                 
45 2 'Structure model' '_refine.overall_SU_ML'                   
46 2 'Structure model' '_refine.pdbx_overall_phase_error'        
47 2 'Structure model' '_refine_hist.number_atoms_total'         
48 2 'Structure model' '_refine_hist.pdbx_number_atoms_ligand'   
49 2 'Structure model' '_refine_ls_restr.dev_ideal'              
50 2 'Structure model' '_refine_ls_shell.R_factor_R_free'        
51 2 'Structure model' '_refine_ls_shell.R_factor_R_work'        
52 2 'Structure model' '_software.version'                       
53 2 'Structure model' '_struct_conn.pdbx_dist_value'            
# 
_pdbx_database_status.status_code                     REL 
_pdbx_database_status.status_code_sf                  REL 
_pdbx_database_status.status_code_mr                  ? 
_pdbx_database_status.entry_id                        9C00 
_pdbx_database_status.recvd_initial_deposition_date   2024-05-24 
_pdbx_database_status.SG_entry                        N 
_pdbx_database_status.deposit_site                    RCSB 
_pdbx_database_status.process_site                    RCSB 
_pdbx_database_status.status_code_cs                  ? 
_pdbx_database_status.status_code_nmr_data            ? 
_pdbx_database_status.methods_development_category    ? 
_pdbx_database_status.pdb_format_compatible           N 
# 
_pdbx_contact_author.id                 2 
_pdbx_contact_author.email              andyn@uic.edu 
_pdbx_contact_author.name_first         Andy 
_pdbx_contact_author.name_last          Nguyen 
_pdbx_contact_author.name_mi            I 
_pdbx_contact_author.role               'principal investigator/group leader' 
_pdbx_contact_author.identifier_ORCID   0000-0003-4137-6453 
# 
loop_
_audit_author.name 
_audit_author.pdbx_ordinal 
_audit_author.identifier_ORCID 
'Heinz-Kunert, S.L.' 1 0009-0002-5884-1294 
'Nguyen, A.I.'       2 0000-0003-4137-6453 
# 
_citation.abstract                  ? 
_citation.abstract_id_CAS           ? 
_citation.book_id_ISBN              ? 
_citation.book_publisher            ? 
_citation.book_publisher_city       ? 
_citation.book_title                ? 
_citation.coordinate_linkage        ? 
_citation.country                   ? 
_citation.database_id_Medline       ? 
_citation.details                   ? 
_citation.id                        primary 
_citation.journal_abbrev            'To Be Published' 
_citation.journal_id_ASTM           ? 
_citation.journal_id_CSD            0353 
_citation.journal_id_ISSN           ? 
_citation.journal_full              ? 
_citation.journal_issue             ? 
_citation.journal_volume            ? 
_citation.language                  ? 
_citation.page_first                ? 
_citation.page_last                 ? 
_citation.title                     'Evolvable conformational diversity in assemblies of short peptides' 
_citation.year                      ? 
_citation.database_id_CSD           ? 
_citation.pdbx_database_id_DOI      ? 
_citation.pdbx_database_id_PubMed   ? 
_citation.pdbx_database_id_patent   ? 
_citation.unpublished_flag          ? 
# 
loop_
_citation_author.citation_id 
_citation_author.name 
_citation_author.ordinal 
_citation_author.identifier_ORCID 
primary 'Heinz-Kunert, S.L.' 1 0009-0002-5884-1294 
primary 'Nguyen, A.I.'       2 0000-0003-4137-6453 
# 
loop_
_entity.id 
_entity.type 
_entity.src_method 
_entity.pdbx_description 
_entity.formula_weight 
_entity.pdbx_number_of_molecules 
_entity.pdbx_ec 
_entity.pdbx_mutation 
_entity.pdbx_fragment 
_entity.details 
1 polymer     syn UIC-1                                                   897.114 1 ? ? ? ? 
2 non-polymer syn "5'-(hydrazinecarbonyl)[2,2'-bipyridine]-5-carboxamide" 257.248 1 ? ? ? ? 
3 non-polymer syn 
;ethyl 5'-formyl[2,2'-bipyridine]-5-carboxylate
;
272.256 1 ? ? ? ? 
4 non-polymer syn '[(1S)-1-chloroethyl]benzene'                           140.610 2 ? ? ? ? 
5 non-polymer syn '[(1R)-1-chloroethyl]benzene'                           140.610 1 ? ? ? ? 
# 
_entity_poly.entity_id                      1 
_entity_poly.type                           'polypeptide(L)' 
_entity_poly.nstd_linkage                   no 
_entity_poly.nstd_monomer                   yes 
_entity_poly.pdbx_seq_one_letter_code       'L(AIB)A(AIB)L(AIB)Q(AIB)L' 
_entity_poly.pdbx_seq_one_letter_code_can   LAAALAQAL 
_entity_poly.pdbx_strand_id                 A 
_entity_poly.pdbx_target_identifier         ? 
# 
loop_
_pdbx_entity_nonpoly.entity_id 
_pdbx_entity_nonpoly.name 
_pdbx_entity_nonpoly.comp_id 
2 "5'-(hydrazinecarbonyl)[2,2'-bipyridine]-5-carboxamide" I77   
3 
;ethyl 5'-formyl[2,2'-bipyridine]-5-carboxylate
;
I6W   
4 '[(1S)-1-chloroethyl]benzene'                           A1ATC 
5 '[(1R)-1-chloroethyl]benzene'                           A1C1V 
# 
loop_
_entity_poly_seq.entity_id 
_entity_poly_seq.num 
_entity_poly_seq.mon_id 
_entity_poly_seq.hetero 
1 1 LEU n 
1 2 AIB n 
1 3 ALA n 
1 4 AIB n 
1 5 LEU n 
1 6 AIB n 
1 7 GLN n 
1 8 AIB n 
1 9 LEU n 
# 
_pdbx_entity_src_syn.entity_id              1 
_pdbx_entity_src_syn.pdbx_src_id            1 
_pdbx_entity_src_syn.pdbx_alt_source_flag   sample 
_pdbx_entity_src_syn.pdbx_beg_seq_num       1 
_pdbx_entity_src_syn.pdbx_end_seq_num       9 
_pdbx_entity_src_syn.organism_scientific    'synthetic construct' 
_pdbx_entity_src_syn.organism_common_name   ? 
_pdbx_entity_src_syn.ncbi_taxonomy_id       32630 
_pdbx_entity_src_syn.details                ? 
# 
loop_
_chem_comp.id 
_chem_comp.type 
_chem_comp.mon_nstd_flag 
_chem_comp.name 
_chem_comp.pdbx_synonyms 
_chem_comp.formula 
_chem_comp.formula_weight 
A1ATC non-polymer         . '[(1S)-1-chloroethyl]benzene'                           ? 'C8 H9 Cl'      140.610 
A1C1V non-polymer         . '[(1R)-1-chloroethyl]benzene'                           ? 'C8 H9 Cl'      140.610 
AIB   'L-peptide linking' n 'ALPHA-AMINOISOBUTYRIC ACID'                            ? 'C4 H9 N O2'    103.120 
ALA   'L-peptide linking' y ALANINE                                                 ? 'C3 H7 N O2'    89.093  
GLN   'L-peptide linking' y GLUTAMINE                                               ? 'C5 H10 N2 O3'  146.144 
I6W   non-polymer         . 
;ethyl 5'-formyl[2,2'-bipyridine]-5-carboxylate
;
? 'C14 H12 N2 O4' 272.256 
I77   non-polymer         . "5'-(hydrazinecarbonyl)[2,2'-bipyridine]-5-carboxamide" ? 'C12 H11 N5 O2' 257.248 
LEU   'L-peptide linking' y LEUCINE                                                 ? 'C6 H13 N O2'   131.173 
# 
loop_
_pdbx_poly_seq_scheme.asym_id 
_pdbx_poly_seq_scheme.entity_id 
_pdbx_poly_seq_scheme.seq_id 
_pdbx_poly_seq_scheme.mon_id 
_pdbx_poly_seq_scheme.ndb_seq_num 
_pdbx_poly_seq_scheme.pdb_seq_num 
_pdbx_poly_seq_scheme.auth_seq_num 
_pdbx_poly_seq_scheme.pdb_mon_id 
_pdbx_poly_seq_scheme.auth_mon_id 
_pdbx_poly_seq_scheme.pdb_strand_id 
_pdbx_poly_seq_scheme.pdb_ins_code 
_pdbx_poly_seq_scheme.hetero 
A 1 1 LEU 1 2  2  LEU LEU A . n 
A 1 2 AIB 2 3  3  AIB AIB A . n 
A 1 3 ALA 3 4  4  ALA ALA A . n 
A 1 4 AIB 4 5  5  AIB AIB A . n 
A 1 5 LEU 5 6  6  LEU LEU A . n 
A 1 6 AIB 6 7  7  AIB AIB A . n 
A 1 7 GLN 7 8  8  GLN GLN A . n 
A 1 8 AIB 8 9  9  AIB AIB A . n 
A 1 9 LEU 9 10 10 LEU LEU A . n 
# 
loop_
_pdbx_entity_instance_feature.ordinal 
_pdbx_entity_instance_feature.comp_id 
_pdbx_entity_instance_feature.asym_id 
_pdbx_entity_instance_feature.seq_num 
_pdbx_entity_instance_feature.auth_comp_id 
_pdbx_entity_instance_feature.auth_asym_id 
_pdbx_entity_instance_feature.auth_seq_num 
_pdbx_entity_instance_feature.feature_type 
_pdbx_entity_instance_feature.details 
1 A1ATC ? ? A1ATC ? ? 'SUBJECT OF INVESTIGATION' ? 
2 A1C1V ? ? A1C1V ? ? 'SUBJECT OF INVESTIGATION' ? 
# 
loop_
_pdbx_nonpoly_scheme.asym_id 
_pdbx_nonpoly_scheme.entity_id 
_pdbx_nonpoly_scheme.mon_id 
_pdbx_nonpoly_scheme.ndb_seq_num 
_pdbx_nonpoly_scheme.pdb_seq_num 
_pdbx_nonpoly_scheme.auth_seq_num 
_pdbx_nonpoly_scheme.pdb_mon_id 
_pdbx_nonpoly_scheme.auth_mon_id 
_pdbx_nonpoly_scheme.pdb_strand_id 
_pdbx_nonpoly_scheme.pdb_ins_code 
B 2 I77   1 101 11 I77   BPH A . 
C 3 I6W   1 102 1  I6W   BPE A . 
D 4 A1ATC 1 103 1  A1ATC CSB A . 
E 5 A1C1V 1 104 2  A1C1V RCB A . 
F 4 A1ATC 1 105 3  A1ATC CSB A . 
# 
loop_
_software.citation_id 
_software.classification 
_software.compiler_name 
_software.compiler_version 
_software.contact_author 
_software.contact_author_email 
_software.date 
_software.description 
_software.dependencies 
_software.hardware 
_software.language 
_software.location 
_software.mods 
_software.name 
_software.os 
_software.os_version 
_software.type 
_software.version 
_software.pdbx_reference_DOI 
_software.pdbx_ordinal 
? refinement       ? ? ? ? ? ? ? ? ? ? ? PHENIX      ? ? ? 1.21.2_5419 ? 1 
? 'data reduction' ? ? ? ? ? ? ? ? ? ? ? CrysalisPro ? ? ? .           ? 2 
? 'data scaling'   ? ? ? ? ? ? ? ? ? ? ? CrysalisPro ? ? ? .           ? 3 
? phasing          ? ? ? ? ? ? ? ? ? ? ? PHASER      ? ? ? .           ? 4 
# 
_cell.angle_alpha                  90.000 
_cell.angle_alpha_esd              ? 
_cell.angle_beta                   90.188 
_cell.angle_beta_esd               ? 
_cell.angle_gamma                  90.000 
_cell.angle_gamma_esd              ? 
_cell.entry_id                     9C00 
_cell.details                      ? 
_cell.formula_units_Z              ? 
_cell.length_a                     13.976 
_cell.length_a_esd                 ? 
_cell.length_b                     13.458 
_cell.length_b_esd                 ? 
_cell.length_c                     28.590 
_cell.length_c_esd                 ? 
_cell.volume                       5377.583 
_cell.volume_esd                   ? 
_cell.Z_PDB                        2 
_cell.reciprocal_angle_alpha       ? 
_cell.reciprocal_angle_beta        ? 
_cell.reciprocal_angle_gamma       ? 
_cell.reciprocal_angle_alpha_esd   ? 
_cell.reciprocal_angle_beta_esd    ? 
_cell.reciprocal_angle_gamma_esd   ? 
_cell.reciprocal_length_a          ? 
_cell.reciprocal_length_b          ? 
_cell.reciprocal_length_c          ? 
_cell.reciprocal_length_a_esd      ? 
_cell.reciprocal_length_b_esd      ? 
_cell.reciprocal_length_c_esd      ? 
_cell.pdbx_unique_axis             ? 
_cell.pdbx_esd_method              ? 
# 
_symmetry.entry_id                         9C00 
_symmetry.cell_setting                     ? 
_symmetry.Int_Tables_number                4 
_symmetry.space_group_name_Hall            'P 2yb' 
_symmetry.space_group_name_H-M             'P 1 21 1' 
_symmetry.pdbx_full_space_group_name_H-M   ? 
# 
_exptl.absorpt_coefficient_mu     ? 
_exptl.absorpt_correction_T_max   ? 
_exptl.absorpt_correction_T_min   ? 
_exptl.absorpt_correction_type    ? 
_exptl.absorpt_process_details    ? 
_exptl.entry_id                   9C00 
_exptl.crystals_number            1 
_exptl.details                    ? 
_exptl.method                     'X-RAY DIFFRACTION' 
_exptl.method_details             ? 
# 
_exptl_crystal.colour                       ? 
_exptl_crystal.density_diffrn               ? 
_exptl_crystal.density_Matthews             1.6 
_exptl_crystal.density_method               ? 
_exptl_crystal.density_percent_sol          23.04 
_exptl_crystal.description                  ? 
_exptl_crystal.F_000                        ? 
_exptl_crystal.id                           1 
_exptl_crystal.preparation                  ? 
_exptl_crystal.size_max                     ? 
_exptl_crystal.size_mid                     ? 
_exptl_crystal.size_min                     ? 
_exptl_crystal.size_rad                     ? 
_exptl_crystal.colour_lustre                ? 
_exptl_crystal.colour_modifier              ? 
_exptl_crystal.colour_primary               ? 
_exptl_crystal.density_meas                 ? 
_exptl_crystal.density_meas_esd             ? 
_exptl_crystal.density_meas_gt              ? 
_exptl_crystal.density_meas_lt              ? 
_exptl_crystal.density_meas_temp            ? 
_exptl_crystal.density_meas_temp_esd        ? 
_exptl_crystal.density_meas_temp_gt         ? 
_exptl_crystal.density_meas_temp_lt         ? 
_exptl_crystal.pdbx_crystal_image_url       ? 
_exptl_crystal.pdbx_crystal_image_format    ? 
_exptl_crystal.pdbx_mosaicity               ? 
_exptl_crystal.pdbx_mosaicity_esd           ? 
_exptl_crystal.pdbx_mosaic_method           ? 
_exptl_crystal.pdbx_mosaic_block_size       ? 
_exptl_crystal.pdbx_mosaic_block_size_esd   ? 
# 
_exptl_crystal_grow.apparatus       ? 
_exptl_crystal_grow.atmosphere      ? 
_exptl_crystal_grow.crystal_id      1 
_exptl_crystal_grow.details         ? 
_exptl_crystal_grow.method          'SLOW COOLING' 
_exptl_crystal_grow.method_ref      ? 
_exptl_crystal_grow.pH              ? 
_exptl_crystal_grow.pressure        ? 
_exptl_crystal_grow.pressure_esd    ? 
_exptl_crystal_grow.seeding         ? 
_exptl_crystal_grow.seeding_ref     ? 
_exptl_crystal_grow.temp_details    ? 
_exptl_crystal_grow.temp_esd        ? 
_exptl_crystal_grow.time            ? 
_exptl_crystal_grow.pdbx_details    'acetonitrile and water' 
_exptl_crystal_grow.pdbx_pH_range   ? 
_exptl_crystal_grow.temp            298 
# 
_diffrn.ambient_environment              ? 
_diffrn.ambient_temp                     100 
_diffrn.ambient_temp_details             ? 
_diffrn.ambient_temp_esd                 ? 
_diffrn.crystal_id                       1 
_diffrn.crystal_support                  ? 
_diffrn.crystal_treatment                ? 
_diffrn.details                          ? 
_diffrn.id                               1 
_diffrn.ambient_pressure                 ? 
_diffrn.ambient_pressure_esd             ? 
_diffrn.ambient_pressure_gt              ? 
_diffrn.ambient_pressure_lt              ? 
_diffrn.ambient_temp_gt                  ? 
_diffrn.ambient_temp_lt                  ? 
_diffrn.pdbx_serial_crystal_experiment   N 
# 
_diffrn_detector.details                      ? 
_diffrn_detector.detector                     PIXEL 
_diffrn_detector.diffrn_id                    1 
_diffrn_detector.type                         'RIGAKU HyPix-3000' 
_diffrn_detector.area_resol_mean              ? 
_diffrn_detector.dtime                        ? 
_diffrn_detector.pdbx_frames_total            ? 
_diffrn_detector.pdbx_collection_time_total   ? 
_diffrn_detector.pdbx_collection_date         2024-02-02 
_diffrn_detector.pdbx_frequency               ? 
_diffrn_detector.id                           ? 
_diffrn_detector.number_of_axes               ? 
# 
_diffrn_radiation.collimation                      ? 
_diffrn_radiation.diffrn_id                        1 
_diffrn_radiation.filter_edge                      ? 
_diffrn_radiation.inhomogeneity                    ? 
_diffrn_radiation.monochromator                    ? 
_diffrn_radiation.polarisn_norm                    ? 
_diffrn_radiation.polarisn_ratio                   ? 
_diffrn_radiation.probe                            ? 
_diffrn_radiation.type                             ? 
_diffrn_radiation.xray_symbol                      ? 
_diffrn_radiation.wavelength_id                    1 
_diffrn_radiation.pdbx_monochromatic_or_laue_m_l   M 
_diffrn_radiation.pdbx_wavelength_list             ? 
_diffrn_radiation.pdbx_wavelength                  ? 
_diffrn_radiation.pdbx_diffrn_protocol             'SINGLE WAVELENGTH' 
_diffrn_radiation.pdbx_analyzer                    ? 
_diffrn_radiation.pdbx_scattering_type             x-ray 
# 
_diffrn_radiation_wavelength.id           1 
_diffrn_radiation_wavelength.wavelength   1.54184 
_diffrn_radiation_wavelength.wt           1.0 
# 
_diffrn_source.current                     ? 
_diffrn_source.details                     ? 
_diffrn_source.diffrn_id                   1 
_diffrn_source.power                       ? 
_diffrn_source.size                        ? 
_diffrn_source.source                      'ROTATING ANODE' 
_diffrn_source.target                      ? 
_diffrn_source.type                        RIGAKU 
_diffrn_source.voltage                     ? 
_diffrn_source.take-off_angle              ? 
_diffrn_source.pdbx_wavelength_list        1.54184 
_diffrn_source.pdbx_wavelength             ? 
_diffrn_source.pdbx_synchrotron_beamline   ? 
_diffrn_source.pdbx_synchrotron_site       ? 
# 
_reflns.B_iso_Wilson_estimate                          8.39 
_reflns.entry_id                                       9C00 
_reflns.data_reduction_details                         ? 
_reflns.data_reduction_method                          ? 
_reflns.d_resolution_high                              0.9 
_reflns.d_resolution_low                               14.3 
_reflns.details                                        ? 
_reflns.limit_h_max                                    ? 
_reflns.limit_h_min                                    ? 
_reflns.limit_k_max                                    ? 
_reflns.limit_k_min                                    ? 
_reflns.limit_l_max                                    ? 
_reflns.limit_l_min                                    ? 
_reflns.number_all                                     ? 
_reflns.number_obs                                     8119 
_reflns.observed_criterion                             ? 
_reflns.observed_criterion_F_max                       ? 
_reflns.observed_criterion_F_min                       ? 
_reflns.observed_criterion_I_max                       ? 
_reflns.observed_criterion_I_min                       ? 
_reflns.observed_criterion_sigma_F                     ? 
_reflns.observed_criterion_sigma_I                     ? 
_reflns.percent_possible_obs                           99.75 
_reflns.R_free_details                                 ? 
_reflns.Rmerge_F_all                                   ? 
_reflns.Rmerge_F_obs                                   ? 
_reflns.Friedel_coverage                               ? 
_reflns.number_gt                                      ? 
_reflns.threshold_expression                           ? 
_reflns.pdbx_redundancy                                9.1 
_reflns.pdbx_netI_over_av_sigmaI                       ? 
_reflns.pdbx_netI_over_sigmaI                          8.19 
_reflns.pdbx_res_netI_over_av_sigmaI_2                 ? 
_reflns.pdbx_res_netI_over_sigmaI_2                    ? 
_reflns.pdbx_chi_squared                               ? 
_reflns.pdbx_scaling_rejects                           ? 
_reflns.pdbx_d_res_high_opt                            ? 
_reflns.pdbx_d_res_low_opt                             ? 
_reflns.pdbx_d_res_opt_method                          ? 
_reflns.phase_calculation_details                      ? 
_reflns.pdbx_Rrim_I_all                                ? 
_reflns.pdbx_Rpim_I_all                                ? 
_reflns.pdbx_d_opt                                     ? 
_reflns.pdbx_number_measured_all                       ? 
_reflns.pdbx_diffrn_id                                 1 
_reflns.pdbx_ordinal                                   1 
_reflns.pdbx_CC_half                                   0.998 
_reflns.pdbx_CC_star                                   ? 
_reflns.pdbx_R_split                                   ? 
_reflns.pdbx_Rmerge_I_obs                              ? 
_reflns.pdbx_Rmerge_I_all                              ? 
_reflns.pdbx_Rsym_value                                ? 
_reflns.pdbx_CC_split_method                           ? 
_reflns.pdbx_aniso_diffraction_limit_axis_1_ortho[1]   ? 
_reflns.pdbx_aniso_diffraction_limit_axis_1_ortho[2]   ? 
_reflns.pdbx_aniso_diffraction_limit_axis_1_ortho[3]   ? 
_reflns.pdbx_aniso_diffraction_limit_axis_2_ortho[1]   ? 
_reflns.pdbx_aniso_diffraction_limit_axis_2_ortho[2]   ? 
_reflns.pdbx_aniso_diffraction_limit_axis_2_ortho[3]   ? 
_reflns.pdbx_aniso_diffraction_limit_axis_3_ortho[1]   ? 
_reflns.pdbx_aniso_diffraction_limit_axis_3_ortho[2]   ? 
_reflns.pdbx_aniso_diffraction_limit_axis_3_ortho[3]   ? 
_reflns.pdbx_aniso_diffraction_limit_1                 ? 
_reflns.pdbx_aniso_diffraction_limit_2                 ? 
_reflns.pdbx_aniso_diffraction_limit_3                 ? 
_reflns.pdbx_aniso_B_tensor_eigenvector_1_ortho[1]     ? 
_reflns.pdbx_aniso_B_tensor_eigenvector_1_ortho[2]     ? 
_reflns.pdbx_aniso_B_tensor_eigenvector_1_ortho[3]     ? 
_reflns.pdbx_aniso_B_tensor_eigenvector_2_ortho[1]     ? 
_reflns.pdbx_aniso_B_tensor_eigenvector_2_ortho[2]     ? 
_reflns.pdbx_aniso_B_tensor_eigenvector_2_ortho[3]     ? 
_reflns.pdbx_aniso_B_tensor_eigenvector_3_ortho[1]     ? 
_reflns.pdbx_aniso_B_tensor_eigenvector_3_ortho[2]     ? 
_reflns.pdbx_aniso_B_tensor_eigenvector_3_ortho[3]     ? 
_reflns.pdbx_aniso_B_tensor_eigenvalue_1               ? 
_reflns.pdbx_aniso_B_tensor_eigenvalue_2               ? 
_reflns.pdbx_aniso_B_tensor_eigenvalue_3               ? 
_reflns.pdbx_orthogonalization_convention              ? 
_reflns.pdbx_percent_possible_ellipsoidal              ? 
_reflns.pdbx_percent_possible_spherical                ? 
_reflns.pdbx_percent_possible_ellipsoidal_anomalous    ? 
_reflns.pdbx_percent_possible_spherical_anomalous      ? 
_reflns.pdbx_redundancy_anomalous                      ? 
_reflns.pdbx_CC_half_anomalous                         ? 
_reflns.pdbx_absDiff_over_sigma_anomalous              ? 
_reflns.pdbx_percent_possible_anomalous                ? 
_reflns.pdbx_observed_signal_threshold                 ? 
_reflns.pdbx_signal_type                               ? 
_reflns.pdbx_signal_details                            ? 
_reflns.pdbx_signal_software_id                        ? 
# 
_reflns_shell.d_res_high                                    0.9 
_reflns_shell.d_res_low                                     0.9322 
_reflns_shell.meanI_over_sigI_all                           ? 
_reflns_shell.meanI_over_sigI_obs                           ? 
_reflns_shell.number_measured_all                           ? 
_reflns_shell.number_measured_obs                           ? 
_reflns_shell.number_possible                               ? 
_reflns_shell.number_unique_all                             ? 
_reflns_shell.number_unique_obs                             818 
_reflns_shell.percent_possible_obs                          ? 
_reflns_shell.Rmerge_F_all                                  ? 
_reflns_shell.Rmerge_F_obs                                  ? 
_reflns_shell.meanI_over_sigI_gt                            ? 
_reflns_shell.meanI_over_uI_all                             ? 
_reflns_shell.meanI_over_uI_gt                              ? 
_reflns_shell.number_measured_gt                            ? 
_reflns_shell.number_unique_gt                              ? 
_reflns_shell.percent_possible_gt                           ? 
_reflns_shell.Rmerge_F_gt                                   ? 
_reflns_shell.Rmerge_I_gt                                   ? 
_reflns_shell.pdbx_redundancy                               ? 
_reflns_shell.pdbx_chi_squared                              ? 
_reflns_shell.pdbx_netI_over_sigmaI_all                     ? 
_reflns_shell.pdbx_netI_over_sigmaI_obs                     ? 
_reflns_shell.pdbx_Rrim_I_all                               ? 
_reflns_shell.pdbx_Rpim_I_all                               ? 
_reflns_shell.pdbx_rejects                                  ? 
_reflns_shell.pdbx_ordinal                                  1 
_reflns_shell.pdbx_diffrn_id                                1 
_reflns_shell.pdbx_CC_half                                  0.998 
_reflns_shell.pdbx_CC_star                                  ? 
_reflns_shell.pdbx_R_split                                  ? 
_reflns_shell.percent_possible_all                          ? 
_reflns_shell.Rmerge_I_all                                  ? 
_reflns_shell.Rmerge_I_obs                                  ? 
_reflns_shell.pdbx_Rsym_value                               ? 
_reflns_shell.pdbx_percent_possible_ellipsoidal             ? 
_reflns_shell.pdbx_percent_possible_spherical               ? 
_reflns_shell.pdbx_percent_possible_ellipsoidal_anomalous   ? 
_reflns_shell.pdbx_percent_possible_spherical_anomalous     ? 
_reflns_shell.pdbx_redundancy_anomalous                     ? 
_reflns_shell.pdbx_CC_half_anomalous                        ? 
_reflns_shell.pdbx_absDiff_over_sigma_anomalous             ? 
_reflns_shell.pdbx_percent_possible_anomalous               ? 
# 
_refine.aniso_B[1][1]                            ? 
_refine.aniso_B[1][2]                            ? 
_refine.aniso_B[1][3]                            ? 
_refine.aniso_B[2][2]                            ? 
_refine.aniso_B[2][3]                            ? 
_refine.aniso_B[3][3]                            ? 
_refine.B_iso_max                                ? 
_refine.B_iso_mean                               10.07 
_refine.B_iso_min                                ? 
_refine.correlation_coeff_Fo_to_Fc               ? 
_refine.correlation_coeff_Fo_to_Fc_free          ? 
_refine.details                                  ? 
_refine.diff_density_max                         ? 
_refine.diff_density_max_esd                     ? 
_refine.diff_density_min                         ? 
_refine.diff_density_min_esd                     ? 
_refine.diff_density_rms                         ? 
_refine.diff_density_rms_esd                     ? 
_refine.entry_id                                 9C00 
_refine.pdbx_refine_id                           'X-RAY DIFFRACTION' 
_refine.ls_abs_structure_details                 ? 
_refine.ls_abs_structure_Flack                   ? 
_refine.ls_abs_structure_Flack_esd               ? 
_refine.ls_abs_structure_Rogers                  ? 
_refine.ls_abs_structure_Rogers_esd              ? 
_refine.ls_d_res_high                            0.90 
_refine.ls_d_res_low                             14.30 
_refine.ls_extinction_coef                       ? 
_refine.ls_extinction_coef_esd                   ? 
_refine.ls_extinction_expression                 ? 
_refine.ls_extinction_method                     ? 
_refine.ls_goodness_of_fit_all                   ? 
_refine.ls_goodness_of_fit_all_esd               ? 
_refine.ls_goodness_of_fit_obs                   ? 
_refine.ls_goodness_of_fit_obs_esd               ? 
_refine.ls_hydrogen_treatment                    ? 
_refine.ls_matrix_type                           ? 
_refine.ls_number_constraints                    ? 
_refine.ls_number_parameters                     ? 
_refine.ls_number_reflns_all                     ? 
_refine.ls_number_reflns_obs                     8100 
_refine.ls_number_reflns_R_free                  798 
_refine.ls_number_reflns_R_work                  7302 
_refine.ls_number_restraints                     ? 
_refine.ls_percent_reflns_obs                    99.77 
_refine.ls_percent_reflns_R_free                 9.85 
_refine.ls_R_factor_all                          ? 
_refine.ls_R_factor_obs                          0.1845 
_refine.ls_R_factor_R_free                       0.2106 
_refine.ls_R_factor_R_free_error                 ? 
_refine.ls_R_factor_R_free_error_details         ? 
_refine.ls_R_factor_R_work                       0.1817 
_refine.ls_R_Fsqd_factor_obs                     ? 
_refine.ls_R_I_factor_obs                        ? 
_refine.ls_redundancy_reflns_all                 ? 
_refine.ls_redundancy_reflns_obs                 ? 
_refine.ls_restrained_S_all                      ? 
_refine.ls_restrained_S_obs                      ? 
_refine.ls_shift_over_esd_max                    ? 
_refine.ls_shift_over_esd_mean                   ? 
_refine.ls_structure_factor_coef                 ? 
_refine.ls_weighting_details                     ? 
_refine.ls_weighting_scheme                      ? 
_refine.ls_wR_factor_all                         ? 
_refine.ls_wR_factor_obs                         ? 
_refine.ls_wR_factor_R_free                      ? 
_refine.ls_wR_factor_R_work                      ? 
_refine.occupancy_max                            ? 
_refine.occupancy_min                            ? 
_refine.solvent_model_details                    'FLAT BULK SOLVENT MODEL' 
_refine.solvent_model_param_bsol                 ? 
_refine.solvent_model_param_ksol                 ? 
_refine.correlation_coeff_I_to_Fcsqd_work        ? 
_refine.correlation_coeff_I_to_Fcsqd_free        ? 
_refine.pdbx_R_complete                          ? 
_refine.ls_R_factor_gt                           ? 
_refine.ls_goodness_of_fit_gt                    ? 
_refine.ls_goodness_of_fit_ref                   ? 
_refine.ls_shift_over_su_max                     ? 
_refine.ls_shift_over_su_max_lt                  ? 
_refine.ls_shift_over_su_mean                    ? 
_refine.ls_shift_over_su_mean_lt                 ? 
_refine.pdbx_ls_sigma_I                          ? 
_refine.pdbx_ls_sigma_F                          1.36 
_refine.pdbx_ls_sigma_Fsqd                       ? 
_refine.pdbx_data_cutoff_high_absF               ? 
_refine.pdbx_data_cutoff_high_rms_absF           ? 
_refine.pdbx_data_cutoff_low_absF                ? 
_refine.pdbx_isotropic_thermal_model             ? 
_refine.pdbx_ls_cross_valid_method               'FREE R-VALUE' 
_refine.pdbx_method_to_determine_struct          'MOLECULAR REPLACEMENT' 
_refine.pdbx_starting_model                      ? 
_refine.pdbx_stereochemistry_target_values       'GeoStd + Monomer Library + CDL v1.2' 
_refine.pdbx_R_Free_selection_details            ? 
_refine.pdbx_stereochem_target_val_spec_case     ? 
_refine.pdbx_overall_ESU_R                       ? 
_refine.pdbx_overall_ESU_R_Free                  ? 
_refine.pdbx_solvent_vdw_probe_radii             1.1000 
_refine.pdbx_solvent_ion_probe_radii             ? 
_refine.pdbx_solvent_shrinkage_radii             0.9000 
_refine.pdbx_real_space_R                        ? 
_refine.pdbx_density_correlation                 ? 
_refine.pdbx_pd_number_of_powder_patterns        ? 
_refine.pdbx_pd_number_of_points                 ? 
_refine.pdbx_pd_meas_number_of_points            ? 
_refine.pdbx_pd_proc_ls_prof_R_factor            ? 
_refine.pdbx_pd_proc_ls_prof_wR_factor           ? 
_refine.pdbx_pd_Marquardt_correlation_coeff      ? 
_refine.pdbx_pd_Fsqrd_R_factor                   ? 
_refine.pdbx_pd_ls_matrix_band_width             ? 
_refine.pdbx_overall_phase_error                 26.1928 
_refine.pdbx_overall_SU_R_free_Cruickshank_DPI   ? 
_refine.pdbx_overall_SU_R_free_Blow_DPI          ? 
_refine.pdbx_overall_SU_R_Blow_DPI               ? 
_refine.pdbx_TLS_residual_ADP_flag               ? 
_refine.pdbx_diffrn_id                           1 
_refine.overall_SU_B                             ? 
_refine.overall_SU_ML                            0.1073 
_refine.overall_SU_R_Cruickshank_DPI             ? 
_refine.overall_SU_R_free                        ? 
_refine.overall_FOM_free_R_set                   ? 
_refine.overall_FOM_work_R_set                   ? 
_refine.pdbx_average_fsc_overall                 ? 
_refine.pdbx_average_fsc_work                    ? 
_refine.pdbx_average_fsc_free                    ? 
# 
_refine_hist.pdbx_refine_id                   'X-RAY DIFFRACTION' 
_refine_hist.cycle_id                         LAST 
_refine_hist.details                          ? 
_refine_hist.d_res_high                       0.90 
_refine_hist.d_res_low                        14.30 
_refine_hist.number_atoms_solvent             0 
_refine_hist.number_atoms_total               127 
_refine_hist.number_reflns_all                ? 
_refine_hist.number_reflns_obs                ? 
_refine_hist.number_reflns_R_free             ? 
_refine_hist.number_reflns_R_work             ? 
_refine_hist.R_factor_all                     ? 
_refine_hist.R_factor_obs                     ? 
_refine_hist.R_factor_R_free                  ? 
_refine_hist.R_factor_R_work                  ? 
_refine_hist.pdbx_number_residues_total       ? 
_refine_hist.pdbx_B_iso_mean_ligand           ? 
_refine_hist.pdbx_B_iso_mean_solvent          ? 
_refine_hist.pdbx_number_atoms_protein        81 
_refine_hist.pdbx_number_atoms_nucleic_acid   0 
_refine_hist.pdbx_number_atoms_ligand         46 
_refine_hist.pdbx_number_atoms_lipid          ? 
_refine_hist.pdbx_number_atoms_carb           ? 
_refine_hist.pdbx_pseudo_atom_details         ? 
# 
loop_
_refine_ls_restr.pdbx_refine_id 
_refine_ls_restr.criterion 
_refine_ls_restr.dev_ideal 
_refine_ls_restr.dev_ideal_target 
_refine_ls_restr.number 
_refine_ls_restr.rejects 
_refine_ls_restr.type 
_refine_ls_restr.weight 
_refine_ls_restr.pdbx_Zscore 
_refine_ls_restr.pdbx_restraint_function 
'X-RAY DIFFRACTION' ? 0.0109  ? 176 ? f_bond_d           ? ? ? 
'X-RAY DIFFRACTION' ? 1.7641  ? 239 ? f_angle_d          ? ? ? 
'X-RAY DIFFRACTION' ? 0.0446  ? 13  ? f_chiral_restr     ? ? ? 
'X-RAY DIFFRACTION' ? 0.0070  ? 27  ? f_plane_restr      ? ? ? 
'X-RAY DIFFRACTION' ? 36.7054 ? 38  ? f_dihedral_angle_d ? ? ? 
# 
loop_
_refine_ls_shell.pdbx_refine_id 
_refine_ls_shell.d_res_high 
_refine_ls_shell.d_res_low 
_refine_ls_shell.number_reflns_all 
_refine_ls_shell.number_reflns_obs 
_refine_ls_shell.number_reflns_R_free 
_refine_ls_shell.number_reflns_R_work 
_refine_ls_shell.percent_reflns_obs 
_refine_ls_shell.percent_reflns_R_free 
_refine_ls_shell.R_factor_all 
_refine_ls_shell.R_factor_obs 
_refine_ls_shell.R_factor_R_free_error 
_refine_ls_shell.R_factor_R_work 
_refine_ls_shell.redundancy_reflns_all 
_refine_ls_shell.redundancy_reflns_obs 
_refine_ls_shell.wR_factor_all 
_refine_ls_shell.wR_factor_obs 
_refine_ls_shell.wR_factor_R_free 
_refine_ls_shell.wR_factor_R_work 
_refine_ls_shell.pdbx_R_complete 
_refine_ls_shell.correlation_coeff_Fo_to_Fc 
_refine_ls_shell.correlation_coeff_Fo_to_Fc_free 
_refine_ls_shell.correlation_coeff_I_to_Fcsqd_work 
_refine_ls_shell.correlation_coeff_I_to_Fcsqd_free 
_refine_ls_shell.pdbx_total_number_of_bins_used 
_refine_ls_shell.pdbx_phase_error 
_refine_ls_shell.pdbx_fsc_work 
_refine_ls_shell.pdbx_fsc_free 
_refine_ls_shell.R_factor_R_free 
'X-RAY DIFFRACTION' 0.90 0.96  . . 125 1208 99.03  . . . . 0.3363 . . . . . . . . . . . . . . . 0.3801 
'X-RAY DIFFRACTION' 0.96 1.03  . . 135 1199 100.00 . . . . 0.2508 . . . . . . . . . . . . . . . 0.2819 
'X-RAY DIFFRACTION' 1.03 1.13  . . 130 1204 100.00 . . . . 0.2043 . . . . . . . . . . . . . . . 0.2288 
'X-RAY DIFFRACTION' 1.13 1.30  . . 128 1217 100.00 . . . . 0.1608 . . . . . . . . . . . . . . . 0.1992 
'X-RAY DIFFRACTION' 1.30 1.63  . . 140 1214 100.00 . . . . 0.1700 . . . . . . . . . . . . . . . 0.2003 
'X-RAY DIFFRACTION' 1.64 14.30 . . 140 1260 99.57  . . . . 0.1630 . . . . . . . . . . . . . . . 0.1920 
# 
_struct.entry_id                     9C00 
_struct.title                        'UIC-1 soaked with R/S 1-chloroethylbenzene' 
_struct.pdbx_model_details           ? 
_struct.pdbx_formula_weight          ? 
_struct.pdbx_formula_weight_method   ? 
_struct.pdbx_model_type_details      ? 
_struct.pdbx_CASP_flag               N 
# 
_struct_keywords.entry_id        9C00 
_struct_keywords.text            'synthetic construct, DE NOVO PROTEIN' 
_struct_keywords.pdbx_keywords   'DE NOVO PROTEIN' 
# 
loop_
_struct_asym.id 
_struct_asym.pdbx_blank_PDB_chainid_flag 
_struct_asym.pdbx_modified 
_struct_asym.entity_id 
_struct_asym.details 
A N N 1 ? 
B N N 2 ? 
C N N 3 ? 
D N N 4 ? 
E N N 5 ? 
F N N 4 ? 
# 
_struct_ref.id                         1 
_struct_ref.db_name                    PDB 
_struct_ref.db_code                    9C00 
_struct_ref.pdbx_db_accession          9C00 
_struct_ref.pdbx_db_isoform            ? 
_struct_ref.entity_id                  1 
_struct_ref.pdbx_seq_one_letter_code   ? 
_struct_ref.pdbx_align_begin           1 
# 
_struct_ref_seq.align_id                      1 
_struct_ref_seq.ref_id                        1 
_struct_ref_seq.pdbx_PDB_id_code              9C00 
_struct_ref_seq.pdbx_strand_id                A 
_struct_ref_seq.seq_align_beg                 1 
_struct_ref_seq.pdbx_seq_align_beg_ins_code   ? 
_struct_ref_seq.seq_align_end                 9 
_struct_ref_seq.pdbx_seq_align_end_ins_code   ? 
_struct_ref_seq.pdbx_db_accession             9C00 
_struct_ref_seq.db_align_beg                  2 
_struct_ref_seq.pdbx_db_align_beg_ins_code    ? 
_struct_ref_seq.db_align_end                  10 
_struct_ref_seq.pdbx_db_align_end_ins_code    ? 
_struct_ref_seq.pdbx_auth_seq_align_beg       2 
_struct_ref_seq.pdbx_auth_seq_align_end       10 
# 
_pdbx_struct_assembly.id                   1 
_pdbx_struct_assembly.details              author_and_software_defined_assembly 
_pdbx_struct_assembly.method_details       PISA 
_pdbx_struct_assembly.oligomeric_details   monomeric 
_pdbx_struct_assembly.oligomeric_count     1 
# 
_pdbx_struct_assembly_gen.assembly_id       1 
_pdbx_struct_assembly_gen.oper_expression   1 
_pdbx_struct_assembly_gen.asym_id_list      A,B,C,D,E,F 
# 
_pdbx_struct_oper_list.id                   1 
_pdbx_struct_oper_list.type                 'identity operation' 
_pdbx_struct_oper_list.name                 1_555 
_pdbx_struct_oper_list.symmetry_operation   x,y,z 
_pdbx_struct_oper_list.matrix[1][1]         1.0000000000 
_pdbx_struct_oper_list.matrix[1][2]         0.0000000000 
_pdbx_struct_oper_list.matrix[1][3]         0.0000000000 
_pdbx_struct_oper_list.vector[1]            0.0000000000 
_pdbx_struct_oper_list.matrix[2][1]         0.0000000000 
_pdbx_struct_oper_list.matrix[2][2]         1.0000000000 
_pdbx_struct_oper_list.matrix[2][3]         0.0000000000 
_pdbx_struct_oper_list.vector[2]            0.0000000000 
_pdbx_struct_oper_list.matrix[3][1]         0.0000000000 
_pdbx_struct_oper_list.matrix[3][2]         0.0000000000 
_pdbx_struct_oper_list.matrix[3][3]         1.0000000000 
_pdbx_struct_oper_list.vector[3]            0.0000000000 
# 
_struct_conf.conf_type_id            HELX_P 
_struct_conf.id                      HELX_P1 
_struct_conf.pdbx_PDB_helix_id       AA1 
_struct_conf.beg_label_comp_id       LEU 
_struct_conf.beg_label_asym_id       A 
_struct_conf.beg_label_seq_id        1 
_struct_conf.pdbx_beg_PDB_ins_code   ? 
_struct_conf.end_label_comp_id       GLN 
_struct_conf.end_label_asym_id       A 
_struct_conf.end_label_seq_id        7 
_struct_conf.pdbx_end_PDB_ins_code   ? 
_struct_conf.beg_auth_comp_id        LEU 
_struct_conf.beg_auth_asym_id        A 
_struct_conf.beg_auth_seq_id         2 
_struct_conf.end_auth_comp_id        GLN 
_struct_conf.end_auth_asym_id        A 
_struct_conf.end_auth_seq_id         8 
_struct_conf.pdbx_PDB_helix_class    1 
_struct_conf.details                 ? 
_struct_conf.pdbx_PDB_helix_length   7 
# 
_struct_conf_type.id          HELX_P 
_struct_conf_type.criteria    ? 
_struct_conf_type.reference   ? 
# 
loop_
_struct_conn.id 
_struct_conn.conn_type_id 
_struct_conn.pdbx_leaving_atom_flag 
_struct_conn.pdbx_PDB_id 
_struct_conn.ptnr1_label_asym_id 
_struct_conn.ptnr1_label_comp_id 
_struct_conn.ptnr1_label_seq_id 
_struct_conn.ptnr1_label_atom_id 
_struct_conn.pdbx_ptnr1_label_alt_id 
_struct_conn.pdbx_ptnr1_PDB_ins_code 
_struct_conn.pdbx_ptnr1_standard_comp_id 
_struct_conn.ptnr1_symmetry 
_struct_conn.ptnr2_label_asym_id 
_struct_conn.ptnr2_label_comp_id 
_struct_conn.ptnr2_label_seq_id 
_struct_conn.ptnr2_label_atom_id 
_struct_conn.pdbx_ptnr2_label_alt_id 
_struct_conn.pdbx_ptnr2_PDB_ins_code 
_struct_conn.ptnr1_auth_asym_id 
_struct_conn.ptnr1_auth_comp_id 
_struct_conn.ptnr1_auth_seq_id 
_struct_conn.ptnr2_auth_asym_id 
_struct_conn.ptnr2_auth_comp_id 
_struct_conn.ptnr2_auth_seq_id 
_struct_conn.ptnr2_symmetry 
_struct_conn.pdbx_ptnr3_label_atom_id 
_struct_conn.pdbx_ptnr3_label_seq_id 
_struct_conn.pdbx_ptnr3_label_comp_id 
_struct_conn.pdbx_ptnr3_label_asym_id 
_struct_conn.pdbx_ptnr3_label_alt_id 
_struct_conn.pdbx_ptnr3_PDB_ins_code 
_struct_conn.details 
_struct_conn.pdbx_dist_value 
_struct_conn.pdbx_value_order 
_struct_conn.pdbx_role 
covale1  covale both ? A LEU 1 C ? ? ? 1_555 A AIB 2 N   ? ? A LEU 2  A AIB 3   1_555 ? ? ? ? ? ? ? 1.339 ? ? 
covale2  covale both ? A LEU 1 N ? ? ? 1_555 C I6W . C02 A ? A LEU 2  A I6W 102 1_555 ? ? ? ? ? ? ? 1.416 ? ? 
covale3  covale both ? A LEU 1 N ? ? ? 1_555 C I6W . C02 B ? A LEU 2  A I6W 102 1_555 ? ? ? ? ? ? ? 1.430 ? ? 
covale4  covale both ? A AIB 2 C ? ? ? 1_555 A ALA 3 N   ? ? A AIB 3  A ALA 4   1_555 ? ? ? ? ? ? ? 1.315 ? ? 
covale5  covale both ? A ALA 3 C ? ? ? 1_555 A AIB 4 N   ? ? A ALA 4  A AIB 5   1_555 ? ? ? ? ? ? ? 1.329 ? ? 
covale6  covale both ? A AIB 4 C ? ? ? 1_555 A LEU 5 N   ? ? A AIB 5  A LEU 6   1_555 ? ? ? ? ? ? ? 1.333 ? ? 
covale7  covale both ? A LEU 5 C ? ? ? 1_555 A AIB 6 N   ? ? A LEU 6  A AIB 7   1_555 ? ? ? ? ? ? ? 1.334 ? ? 
covale8  covale both ? A AIB 6 C ? ? ? 1_555 A GLN 7 N   ? ? A AIB 7  A GLN 8   1_555 ? ? ? ? ? ? ? 1.332 ? ? 
covale9  covale both ? A GLN 7 C ? ? ? 1_555 A AIB 8 N   ? ? A GLN 8  A AIB 9   1_555 ? ? ? ? ? ? ? 1.316 ? ? 
covale10 covale both ? A AIB 8 C ? ? ? 1_555 A LEU 9 N   A ? A AIB 9  A LEU 10  1_555 ? ? ? ? ? ? ? 1.332 ? ? 
covale11 covale both ? A AIB 8 C ? ? ? 1_555 A LEU 9 N   B ? A AIB 9  A LEU 10  1_555 ? ? ? ? ? ? ? 1.333 ? ? 
covale12 covale both ? A LEU 9 C A ? ? 1_555 B I77 . N15 A ? A LEU 10 A I77 101 1_555 ? ? ? ? ? ? ? 1.419 ? ? 
covale13 covale both ? A LEU 9 C B ? ? 1_555 B I77 . N15 B ? A LEU 10 A I77 101 1_555 ? ? ? ? ? ? ? 1.425 ? ? 
# 
_struct_conn_type.id          covale 
_struct_conn_type.criteria    ? 
_struct_conn_type.reference   ? 
# 
loop_
_pdbx_modification_feature.ordinal 
_pdbx_modification_feature.label_comp_id 
_pdbx_modification_feature.label_asym_id 
_pdbx_modification_feature.label_seq_id 
_pdbx_modification_feature.label_alt_id 
_pdbx_modification_feature.modified_residue_label_comp_id 
_pdbx_modification_feature.modified_residue_label_asym_id 
_pdbx_modification_feature.modified_residue_label_seq_id 
_pdbx_modification_feature.modified_residue_label_alt_id 
_pdbx_modification_feature.auth_comp_id 
_pdbx_modification_feature.auth_asym_id 
_pdbx_modification_feature.auth_seq_id 
_pdbx_modification_feature.PDB_ins_code 
_pdbx_modification_feature.symmetry 
_pdbx_modification_feature.modified_residue_auth_comp_id 
_pdbx_modification_feature.modified_residue_auth_asym_id 
_pdbx_modification_feature.modified_residue_auth_seq_id 
_pdbx_modification_feature.modified_residue_PDB_ins_code 
_pdbx_modification_feature.modified_residue_symmetry 
_pdbx_modification_feature.comp_id_linking_atom 
_pdbx_modification_feature.modified_residue_id_linking_atom 
_pdbx_modification_feature.modified_residue_id 
_pdbx_modification_feature.ref_pcm_id 
_pdbx_modification_feature.ref_comp_id 
_pdbx_modification_feature.type 
_pdbx_modification_feature.category 
1 AIB A 2 ? .   . . . AIB A 3   ? 1_555 .   . .  . .     .   . ALA 1 AIB Methylation 'Named protein modification'     
2 AIB A 4 ? .   . . . AIB A 5   ? 1_555 .   . .  . .     .   . ALA 1 AIB Methylation 'Named protein modification'     
3 AIB A 6 ? .   . . . AIB A 7   ? 1_555 .   . .  . .     .   . ALA 1 AIB Methylation 'Named protein modification'     
4 AIB A 8 ? .   . . . AIB A 9   ? 1_555 .   . .  . .     .   . ALA 1 AIB Methylation 'Named protein modification'     
5 I77 B . A LEU A 9 A I77 A 101 ? 1_555 LEU A 10 ? 1_555 N15 C LEU 1 I77 None        'Covalent chemical modification' 
6 I77 B . B LEU A 9 B I77 A 101 ? 1_555 LEU A 10 ? 1_555 N15 C LEU 1 I77 None        'Covalent chemical modification' 
7 I6W C . A LEU A 1 ? I6W A 102 ? 1_555 LEU A 2  ? 1_555 C02 N LEU 1 I6W None        'Covalent chemical modification' 
8 I6W C . B LEU A 1 ? I6W A 102 ? 1_555 LEU A 2  ? 1_555 C02 N LEU 1 I6W None        'Covalent chemical modification' 
# 
_pdbx_entry_details.entry_id                   9C00 
_pdbx_entry_details.nonpolymer_details         ? 
_pdbx_entry_details.sequence_details           ? 
_pdbx_entry_details.compound_details           ? 
_pdbx_entry_details.source_details             ? 
_pdbx_entry_details.has_ligand_of_interest     Y 
_pdbx_entry_details.has_protein_modification   Y 
# 
_pdbx_validate_close_contact.id               1 
_pdbx_validate_close_contact.PDB_model_num    1 
_pdbx_validate_close_contact.auth_atom_id_1   N 
_pdbx_validate_close_contact.auth_asym_id_1   A 
_pdbx_validate_close_contact.auth_comp_id_1   LEU 
_pdbx_validate_close_contact.auth_seq_id_1    2 
_pdbx_validate_close_contact.PDB_ins_code_1   ? 
_pdbx_validate_close_contact.label_alt_id_1   ? 
_pdbx_validate_close_contact.auth_atom_id_2   O01 
_pdbx_validate_close_contact.auth_asym_id_2   A 
_pdbx_validate_close_contact.auth_comp_id_2   I6W 
_pdbx_validate_close_contact.auth_seq_id_2    102 
_pdbx_validate_close_contact.PDB_ins_code_2   ? 
_pdbx_validate_close_contact.label_alt_id_2   B 
_pdbx_validate_close_contact.dist             2.12 
# 
loop_
_space_group_symop.id 
_space_group_symop.operation_xyz 
1 x,y,z       
2 -x,y+1/2,-z 
# 
loop_
_chem_comp_atom.comp_id 
_chem_comp_atom.atom_id 
_chem_comp_atom.type_symbol 
_chem_comp_atom.pdbx_aromatic_flag 
_chem_comp_atom.pdbx_stereo_config 
_chem_comp_atom.pdbx_ordinal 
A1ATC C01  C  N N 1   
A1ATC C02  C  N S 2   
A1ATC C04  C  Y N 3   
A1ATC C05  C  Y N 4   
A1ATC C06  C  Y N 5   
A1ATC C07  C  Y N 6   
A1ATC C08  C  Y N 7   
A1ATC C09  C  Y N 8   
A1ATC CL03 CL N N 9   
A1ATC H013 H  N N 10  
A1ATC H011 H  N N 11  
A1ATC H012 H  N N 12  
A1ATC H021 H  N N 13  
A1ATC H051 H  N N 14  
A1ATC H061 H  N N 15  
A1ATC H071 H  N N 16  
A1ATC H081 H  N N 17  
A1ATC H091 H  N N 18  
A1C1V C01  C  N N 19  
A1C1V C02  C  N R 20  
A1C1V C04  C  Y N 21  
A1C1V C05  C  Y N 22  
A1C1V C06  C  Y N 23  
A1C1V C07  C  Y N 24  
A1C1V C08  C  Y N 25  
A1C1V C09  C  Y N 26  
A1C1V CL03 CL N N 27  
A1C1V H012 H  N N 28  
A1C1V H011 H  N N 29  
A1C1V H013 H  N N 30  
A1C1V H021 H  N N 31  
A1C1V H051 H  N N 32  
A1C1V H061 H  N N 33  
A1C1V H071 H  N N 34  
A1C1V H081 H  N N 35  
A1C1V H091 H  N N 36  
AIB   N    N  N N 37  
AIB   CA   C  N N 38  
AIB   C    C  N N 39  
AIB   O    O  N N 40  
AIB   OXT  O  N N 41  
AIB   CB1  C  N N 42  
AIB   CB2  C  N N 43  
AIB   H    H  N N 44  
AIB   H2   H  N N 45  
AIB   HXT  H  N N 46  
AIB   HB11 H  N N 47  
AIB   HB12 H  N N 48  
AIB   HB13 H  N N 49  
AIB   HB21 H  N N 50  
AIB   HB22 H  N N 51  
AIB   HB23 H  N N 52  
ALA   N    N  N N 53  
ALA   CA   C  N S 54  
ALA   C    C  N N 55  
ALA   O    O  N N 56  
ALA   CB   C  N N 57  
ALA   OXT  O  N N 58  
ALA   H    H  N N 59  
ALA   H2   H  N N 60  
ALA   HA   H  N N 61  
ALA   HB1  H  N N 62  
ALA   HB2  H  N N 63  
ALA   HB3  H  N N 64  
ALA   HXT  H  N N 65  
GLN   N    N  N N 66  
GLN   CA   C  N S 67  
GLN   C    C  N N 68  
GLN   O    O  N N 69  
GLN   CB   C  N N 70  
GLN   CG   C  N N 71  
GLN   CD   C  N N 72  
GLN   OE1  O  N N 73  
GLN   NE2  N  N N 74  
GLN   OXT  O  N N 75  
GLN   H    H  N N 76  
GLN   H2   H  N N 77  
GLN   HA   H  N N 78  
GLN   HB2  H  N N 79  
GLN   HB3  H  N N 80  
GLN   HG2  H  N N 81  
GLN   HG3  H  N N 82  
GLN   HE21 H  N N 83  
GLN   HE22 H  N N 84  
GLN   HXT  H  N N 85  
I6W   C05  C  Y N 86  
I6W   C08  C  Y N 87  
I6W   C09  C  Y N 88  
I6W   N10  N  Y N 89  
I6W   C02  C  N N 90  
I6W   C03  C  Y N 91  
I6W   C04  C  Y N 92  
I6W   C06  C  Y N 93  
I6W   C11  C  Y N 94  
I6W   C12  C  Y N 95  
I6W   C13  C  N N 96  
I6W   C15  C  N N 97  
I6W   C16  C  N N 98  
I6W   C18  C  Y N 99  
I6W   C19  C  Y N 100 
I6W   N07  N  Y N 101 
I6W   O01  O  N N 102 
I6W   O14  O  N N 103 
I6W   O17  O  N N 104 
I6W   H051 H  N N 105 
I6W   H041 H  N N 106 
I6W   H061 H  N N 107 
I6W   H111 H  N N 108 
I6W   H152 H  N N 109 
I6W   H151 H  N N 110 
I6W   H162 H  N N 111 
I6W   H163 H  N N 112 
I6W   H161 H  N N 113 
I6W   H181 H  N N 114 
I6W   H191 H  N N 115 
I6W   OXT  O  N N 116 
I6W   HXT  H  N N 117 
I77   C11  C  Y N 118 
I77   C12  C  Y N 119 
I77   C13  C  N N 120 
I77   C17  C  Y N 121 
I77   C18  C  Y N 122 
I77   C02  C  N N 123 
I77   C03  C  Y N 124 
I77   C04  C  Y N 125 
I77   C05  C  Y N 126 
I77   C06  C  Y N 127 
I77   C08  C  Y N 128 
I77   C09  C  Y N 129 
I77   N01  N  N N 130 
I77   N07  N  Y N 131 
I77   N10  N  Y N 132 
I77   N14  N  N N 133 
I77   N15  N  N N 134 
I77   O16  O  N N 135 
I77   O19  O  N N 136 
I77   H111 H  N N 137 
I77   H171 H  N N 138 
I77   H181 H  N N 139 
I77   H041 H  N N 140 
I77   H051 H  N N 141 
I77   H061 H  N N 142 
I77   H011 H  N N 143 
I77   H012 H  N N 144 
I77   H141 H  N N 145 
I77   H1   H  N N 146 
I77   H2   H  N N 147 
LEU   N    N  N N 148 
LEU   CA   C  N S 149 
LEU   C    C  N N 150 
LEU   O    O  N N 151 
LEU   CB   C  N N 152 
LEU   CG   C  N N 153 
LEU   CD1  C  N N 154 
LEU   CD2  C  N N 155 
LEU   OXT  O  N N 156 
LEU   H    H  N N 157 
LEU   H2   H  N N 158 
LEU   HA   H  N N 159 
LEU   HB2  H  N N 160 
LEU   HB3  H  N N 161 
LEU   HG   H  N N 162 
LEU   HD11 H  N N 163 
LEU   HD12 H  N N 164 
LEU   HD13 H  N N 165 
LEU   HD21 H  N N 166 
LEU   HD22 H  N N 167 
LEU   HD23 H  N N 168 
LEU   HXT  H  N N 169 
# 
loop_
_chem_comp_bond.comp_id 
_chem_comp_bond.atom_id_1 
_chem_comp_bond.atom_id_2 
_chem_comp_bond.value_order 
_chem_comp_bond.pdbx_aromatic_flag 
_chem_comp_bond.pdbx_stereo_config 
_chem_comp_bond.pdbx_ordinal 
A1ATC C02  C01  sing N N 1   
A1ATC CL03 C02  sing N N 2   
A1ATC C04  C02  sing N N 3   
A1ATC C05  C04  doub Y N 4   
A1ATC C06  C05  sing Y N 5   
A1ATC C07  C06  doub Y N 6   
A1ATC C08  C07  sing Y N 7   
A1ATC C09  C08  doub Y N 8   
A1ATC C04  C09  sing Y N 9   
A1ATC C01  H013 sing N N 10  
A1ATC C01  H011 sing N N 11  
A1ATC C01  H012 sing N N 12  
A1ATC C02  H021 sing N N 13  
A1ATC C05  H051 sing N N 14  
A1ATC C06  H061 sing N N 15  
A1ATC C07  H071 sing N N 16  
A1ATC C08  H081 sing N N 17  
A1ATC C09  H091 sing N N 18  
A1C1V CL03 C02  sing N N 19  
A1C1V C01  C02  sing N N 20  
A1C1V C05  C06  doub Y N 21  
A1C1V C05  C04  sing Y N 22  
A1C1V C02  C04  sing N N 23  
A1C1V C06  C07  sing Y N 24  
A1C1V C04  C09  doub Y N 25  
A1C1V C07  C08  doub Y N 26  
A1C1V C09  C08  sing Y N 27  
A1C1V C01  H012 sing N N 28  
A1C1V C01  H011 sing N N 29  
A1C1V C01  H013 sing N N 30  
A1C1V C02  H021 sing N N 31  
A1C1V C05  H051 sing N N 32  
A1C1V C06  H061 sing N N 33  
A1C1V C07  H071 sing N N 34  
A1C1V C08  H081 sing N N 35  
A1C1V C09  H091 sing N N 36  
AIB   N    CA   sing N N 37  
AIB   N    H    sing N N 38  
AIB   N    H2   sing N N 39  
AIB   CA   C    sing N N 40  
AIB   CA   CB1  sing N N 41  
AIB   CA   CB2  sing N N 42  
AIB   C    O    doub N N 43  
AIB   C    OXT  sing N N 44  
AIB   OXT  HXT  sing N N 45  
AIB   CB1  HB11 sing N N 46  
AIB   CB1  HB12 sing N N 47  
AIB   CB1  HB13 sing N N 48  
AIB   CB2  HB21 sing N N 49  
AIB   CB2  HB22 sing N N 50  
AIB   CB2  HB23 sing N N 51  
ALA   N    CA   sing N N 52  
ALA   N    H    sing N N 53  
ALA   N    H2   sing N N 54  
ALA   CA   C    sing N N 55  
ALA   CA   CB   sing N N 56  
ALA   CA   HA   sing N N 57  
ALA   C    O    doub N N 58  
ALA   C    OXT  sing N N 59  
ALA   CB   HB1  sing N N 60  
ALA   CB   HB2  sing N N 61  
ALA   CB   HB3  sing N N 62  
ALA   OXT  HXT  sing N N 63  
GLN   N    CA   sing N N 64  
GLN   N    H    sing N N 65  
GLN   N    H2   sing N N 66  
GLN   CA   C    sing N N 67  
GLN   CA   CB   sing N N 68  
GLN   CA   HA   sing N N 69  
GLN   C    O    doub N N 70  
GLN   C    OXT  sing N N 71  
GLN   CB   CG   sing N N 72  
GLN   CB   HB2  sing N N 73  
GLN   CB   HB3  sing N N 74  
GLN   CG   CD   sing N N 75  
GLN   CG   HG2  sing N N 76  
GLN   CG   HG3  sing N N 77  
GLN   CD   OE1  doub N N 78  
GLN   CD   NE2  sing N N 79  
GLN   NE2  HE21 sing N N 80  
GLN   NE2  HE22 sing N N 81  
GLN   OXT  HXT  sing N N 82  
I6W   O01  C02  doub N N 83  
I6W   C02  C03  sing N N 84  
I6W   C03  C06  doub Y N 85  
I6W   C03  C04  sing Y N 86  
I6W   C06  N07  sing Y N 87  
I6W   C04  C05  doub Y N 88  
I6W   N07  C08  doub Y N 89  
I6W   C05  C08  sing Y N 90  
I6W   C08  C09  sing N N 91  
I6W   C09  C19  doub Y N 92  
I6W   C09  N10  sing Y N 93  
I6W   C19  C18  sing Y N 94  
I6W   N10  C11  doub Y N 95  
I6W   C18  C12  doub Y N 96  
I6W   C11  C12  sing Y N 97  
I6W   C12  C13  sing N N 98  
I6W   C13  O17  doub N N 99  
I6W   C13  O14  sing N N 100 
I6W   O14  C15  sing N N 101 
I6W   C15  C16  sing N N 102 
I6W   C05  H051 sing N N 103 
I6W   C04  H041 sing N N 104 
I6W   C06  H061 sing N N 105 
I6W   C11  H111 sing N N 106 
I6W   C15  H152 sing N N 107 
I6W   C15  H151 sing N N 108 
I6W   C16  H162 sing N N 109 
I6W   C16  H163 sing N N 110 
I6W   C16  H161 sing N N 111 
I6W   C18  H181 sing N N 112 
I6W   C19  H191 sing N N 113 
I6W   C02  OXT  sing N N 114 
I6W   OXT  HXT  sing N N 115 
I77   N15  N14  sing N N 116 
I77   O16  C13  doub N N 117 
I77   N14  C13  sing N N 118 
I77   C13  C12  sing N N 119 
I77   C12  C17  doub Y N 120 
I77   C12  C11  sing Y N 121 
I77   C17  C18  sing Y N 122 
I77   C11  N10  doub Y N 123 
I77   C18  C09  doub Y N 124 
I77   N10  C09  sing Y N 125 
I77   C09  C08  sing N N 126 
I77   C08  N07  doub Y N 127 
I77   C08  C05  sing Y N 128 
I77   N07  C06  sing Y N 129 
I77   C05  C04  doub Y N 130 
I77   C06  C03  doub Y N 131 
I77   C04  C03  sing Y N 132 
I77   C03  C02  sing N N 133 
I77   C02  N01  sing N N 134 
I77   C02  O19  doub N N 135 
I77   C11  H111 sing N N 136 
I77   C17  H171 sing N N 137 
I77   C18  H181 sing N N 138 
I77   C04  H041 sing N N 139 
I77   C05  H051 sing N N 140 
I77   C06  H061 sing N N 141 
I77   N01  H011 sing N N 142 
I77   N01  H012 sing N N 143 
I77   N14  H141 sing N N 144 
I77   N15  H1   sing N N 145 
I77   N15  H2   sing N N 146 
LEU   N    CA   sing N N 147 
LEU   N    H    sing N N 148 
LEU   N    H2   sing N N 149 
LEU   CA   C    sing N N 150 
LEU   CA   CB   sing N N 151 
LEU   CA   HA   sing N N 152 
LEU   C    O    doub N N 153 
LEU   C    OXT  sing N N 154 
LEU   CB   CG   sing N N 155 
LEU   CB   HB2  sing N N 156 
LEU   CB   HB3  sing N N 157 
LEU   CG   CD1  sing N N 158 
LEU   CG   CD2  sing N N 159 
LEU   CG   HG   sing N N 160 
LEU   CD1  HD11 sing N N 161 
LEU   CD1  HD12 sing N N 162 
LEU   CD1  HD13 sing N N 163 
LEU   CD2  HD21 sing N N 164 
LEU   CD2  HD22 sing N N 165 
LEU   CD2  HD23 sing N N 166 
LEU   OXT  HXT  sing N N 167 
# 
_pdbx_audit_support.funding_organization   'Department of Energy (DOE, United States)' 
_pdbx_audit_support.country                'United States' 
_pdbx_audit_support.grant_number           DE-AC02-06CH11357 
_pdbx_audit_support.ordinal                1 
# 
_pdbx_initial_refinement_model.id               1 
_pdbx_initial_refinement_model.entity_id_list   ? 
_pdbx_initial_refinement_model.type             'experimental model' 
_pdbx_initial_refinement_model.source_name      PDB 
_pdbx_initial_refinement_model.accession_code   7TLS 
_pdbx_initial_refinement_model.details          ? 
# 
_space_group.name_H-M_alt     'P 1 21 1' 
_space_group.name_Hall        'P 2yb' 
_space_group.IT_number        4 
_space_group.crystal_system   monoclinic 
_space_group.id               1 
# 
_atom_sites.entry_id                    9C00 
_atom_sites.Cartn_transf_matrix[1][1]   ? 
_atom_sites.Cartn_transf_matrix[1][2]   ? 
_atom_sites.Cartn_transf_matrix[1][3]   ? 
_atom_sites.Cartn_transf_matrix[2][1]   ? 
_atom_sites.Cartn_transf_matrix[2][2]   ? 
_atom_sites.Cartn_transf_matrix[2][3]   ? 
_atom_sites.Cartn_transf_matrix[3][1]   ? 
_atom_sites.Cartn_transf_matrix[3][2]   ? 
_atom_sites.Cartn_transf_matrix[3][3]   ? 
_atom_sites.Cartn_transf_vector[1]      ? 
_atom_sites.Cartn_transf_vector[2]      ? 
_atom_sites.Cartn_transf_vector[3]      ? 
_atom_sites.Cartn_transform_axes        ? 
_atom_sites.fract_transf_matrix[1][1]   0.02205219 
_atom_sites.fract_transf_matrix[1][2]   -0.04579764 
_atom_sites.fract_transf_matrix[1][3]   0.05035750 
_atom_sites.fract_transf_matrix[2][1]   0.04371040 
_atom_sites.fract_transf_matrix[2][2]   -0.03367416 
_atom_sites.fract_transf_matrix[2][3]   -0.04976631 
_atom_sites.fract_transf_matrix[3][1]   0.02618549 
_atom_sites.fract_transf_matrix[3][2]   0.02162719 
_atom_sites.fract_transf_matrix[3][3]   0.00836512 
_atom_sites.fract_transf_vector[1]      -0.443954 
_atom_sites.fract_transf_vector[2]      0.143945 
_atom_sites.fract_transf_vector[3]      -0.179326 
_atom_sites.solution_primary            ? 
_atom_sites.solution_secondary          ? 
_atom_sites.solution_hydrogens          ? 
_atom_sites.special_details             ? 
# 
loop_
_atom_type.symbol 
_atom_type.scat_dispersion_real 
_atom_type.scat_dispersion_imag 
_atom_type.scat_Cromer_Mann_a1 
_atom_type.scat_Cromer_Mann_a2 
_atom_type.scat_Cromer_Mann_a3 
_atom_type.scat_Cromer_Mann_a4 
_atom_type.scat_Cromer_Mann_b1 
_atom_type.scat_Cromer_Mann_b2 
_atom_type.scat_Cromer_Mann_b3 
_atom_type.scat_Cromer_Mann_b4 
_atom_type.scat_Cromer_Mann_c 
_atom_type.scat_source 
_atom_type.scat_dispersion_source 
C  ? ? 2.51340 1.74867 1.72398 ? 31.80534 0.44561  10.58317 ? 0.0 
;3-Gaussian fit: Grosse-Kunstleve RW, Sauter NK, Adams PD: Newsletter of the IUCr Commission on Crystallographic Computing 2004, 3, 22-31.
;
? 
CL ? ? 9.50761 7.44341 ?       ? 1.04373  23.83732 ?        ? 0.0 
;2-Gaussian fit: Grosse-Kunstleve RW, Sauter NK, Adams PD: Newsletter of the IUCr Commission on Crystallographic Computing 2004, 3, 22-31.
;
? 
H  ? ? 0.53795 0.34799 0.11320 ? 10.08003 29.74760 2.57510  ? 0.0 
;3-Gaussian fit: Grosse-Kunstleve RW, Sauter NK, Adams PD: Newsletter of the IUCr Commission on Crystallographic Computing 2004, 3, 22-31.
;
? 
N  ? ? 2.99955 2.25584 1.72788 ? 23.27268 7.45433  0.31622  ? 0.0 
;3-Gaussian fit: Grosse-Kunstleve RW, Sauter NK, Adams PD: Newsletter of the IUCr Commission on Crystallographic Computing 2004, 3, 22-31.
;
? 
O  ? ? 3.21184 3.04156 1.73156 ? 18.83700 5.90590  0.24126  ? 0.0 
;3-Gaussian fit: Grosse-Kunstleve RW, Sauter NK, Adams PD: Newsletter of the IUCr Commission on Crystallographic Computing 2004, 3, 22-31.
;
? 
# 
loop_
_atom_site.group_PDB 
_atom_site.id 
_atom_site.type_symbol 
_atom_site.label_atom_id 
_atom_site.label_alt_id 
_atom_site.label_comp_id 
_atom_site.label_asym_id 
_atom_site.label_entity_id 
_atom_site.label_seq_id 
_atom_site.pdbx_PDB_ins_code 
_atom_site.Cartn_x 
_atom_site.Cartn_y 
_atom_site.Cartn_z 
_atom_site.occupancy 
_atom_site.B_iso_or_equiv 
_atom_site.pdbx_formal_charge 
_atom_site.auth_seq_id 
_atom_site.auth_comp_id 
_atom_site.auth_asym_id 
_atom_site.auth_atom_id 
_atom_site.pdbx_PDB_model_num 
ATOM   1   N  N    . LEU   A 1 1 ? 0.31134   0.73140   -8.47604  1.000 8.44339  ? 2   LEU   A N    1 
ATOM   2   C  CA   . LEU   A 1 1 ? 1.35094   1.15414   -7.55536  1.000 7.96076  ? 2   LEU   A CA   1 
ATOM   3   C  C    . LEU   A 1 1 ? 0.75012   1.51096   -6.19254  1.000 6.85460  ? 2   LEU   A C    1 
ATOM   4   O  O    . LEU   A 1 1 ? 1.33494   1.17783   -5.15108  1.000 7.30800  ? 2   LEU   A O    1 
ATOM   5   C  CB   . LEU   A 1 1 ? 2.07755   2.34183   -8.18297  1.000 8.39101  ? 2   LEU   A CB   1 
ATOM   6   C  CG   . LEU   A 1 1 ? 3.16913   3.02904   -7.39394  1.000 9.78794  ? 2   LEU   A CG   1 
ATOM   7   C  CD1  . LEU   A 1 1 ? 4.20496   2.01319   -6.97701  1.000 10.61292 ? 2   LEU   A CD1  1 
ATOM   8   C  CD2  . LEU   A 1 1 ? 3.79055   4.14264   -8.22046  1.000 10.11099 ? 2   LEU   A CD2  1 
ATOM   9   H  H1   . LEU   A 1 1 ? 0.57121   0.67192   -9.29368  1.000 10.13218 ? 2   LEU   A H1   1 
ATOM   10  H  HA   . LEU   A 1 1 ? 1.99504   0.44720   -7.39326  1.000 9.55303  ? 2   LEU   A HA   1 
ATOM   11  H  HB2  . LEU   A 1 1 ? 2.48711   2.03099   -9.00550  1.000 10.06933 ? 2   LEU   A HB2  1 
ATOM   12  H  HB3  . LEU   A 1 1 ? 1.41202   3.01964   -8.37926  1.000 10.06933 ? 2   LEU   A HB3  1 
ATOM   13  H  HG   . LEU   A 1 1 ? 2.80015   3.43174   -6.59232  1.000 11.74565 ? 2   LEU   A HG   1 
ATOM   14  H  HD11 . LEU   A 1 1 ? 4.97231   2.47780   -6.60795  1.000 12.73562 ? 2   LEU   A HD11 1 
ATOM   15  H  HD12 . LEU   A 1 1 ? 3.82012   1.42631   -6.30740  1.000 12.73562 ? 2   LEU   A HD12 1 
ATOM   16  H  HD13 . LEU   A 1 1 ? 4.47256   1.49787   -7.75402  1.000 12.73562 ? 2   LEU   A HD13 1 
ATOM   17  H  HD21 . LEU   A 1 1 ? 4.39707   4.65126   -7.65981  1.000 12.13330 ? 2   LEU   A HD21 1 
ATOM   18  H  HD22 . LEU   A 1 1 ? 4.27636   3.75122   -8.96321  1.000 12.13330 ? 2   LEU   A HD22 1 
ATOM   19  H  HD23 . LEU   A 1 1 ? 3.08563   4.71968   -8.55364  1.000 12.13330 ? 2   LEU   A HD23 1 
HETATM 20  N  N    . AIB   A 1 2 ? -0.41315  2.17392   -6.18948  1.000 6.31929  ? 3   AIB   A N    1 
HETATM 21  C  CA   . AIB   A 1 2 ? -0.99342  2.64031   -4.93220  1.000 5.99875  ? 3   AIB   A CA   1 
HETATM 22  C  C    . AIB   A 1 2 ? -1.17346  1.47931   -3.94970  1.000 6.52836  ? 3   AIB   A C    1 
HETATM 23  O  O    . AIB   A 1 2 ? -0.77347  1.53888   -2.78643  1.000 7.04301  ? 3   AIB   A O    1 
HETATM 24  C  CB1  . AIB   A 1 2 ? -0.10561  3.69954   -4.27422  1.000 6.78406  ? 3   AIB   A CB1  1 
HETATM 25  C  CB2  . AIB   A 1 2 ? -2.36550  3.25024   -5.20339  1.000 6.68298  ? 3   AIB   A CB2  1 
HETATM 26  H  H    . AIB   A 1 2 ? -0.87409  2.36068   -6.89109  1.000 7.58326  ? 3   AIB   A H    1 
HETATM 27  H  HB11 . AIB   A 1 2 ? 0.82527   3.42770   -4.25276  1.000 8.14099  ? 3   AIB   A HB11 1 
HETATM 28  H  HB12 . AIB   A 1 2 ? -0.14291  4.54594   -4.74659  1.000 8.14099  ? 3   AIB   A HB12 1 
HETATM 29  H  HB13 . AIB   A 1 2 ? -0.37103  3.87445   -3.35779  1.000 8.14099  ? 3   AIB   A HB13 1 
HETATM 30  H  HB21 . AIB   A 1 2 ? -2.78286  3.56718   -4.38714  1.000 8.01969  ? 3   AIB   A HB21 1 
HETATM 31  H  HB22 . AIB   A 1 2 ? -2.30691  4.00567   -5.80901  1.000 8.01969  ? 3   AIB   A HB22 1 
HETATM 32  H  HB23 . AIB   A 1 2 ? -2.96961  2.60587   -5.60433  1.000 8.01969  ? 3   AIB   A HB23 1 
ATOM   33  N  N    . ALA   A 1 3 ? -1.82560  0.42672   -4.39278  1.000 7.06686  ? 4   ALA   A N    1 
ATOM   34  C  CA   . ALA   A 1 3 ? -2.08211  -0.71752  -3.52871  1.000 8.37676  ? 4   ALA   A CA   1 
ATOM   35  C  C    . ALA   A 1 3 ? -0.78170  -1.35911  -3.02553  1.000 7.99620  ? 4   ALA   A C    1 
ATOM   36  O  O    . ALA   A 1 3 ? -0.67759  -1.75882  -1.86664  1.000 9.11300  ? 4   ALA   A O    1 
ATOM   37  C  CB   . ALA   A 1 3 ? -2.89626  -1.72227  -4.27404  1.000 9.96535  ? 4   ALA   A CB   1 
ATOM   38  H  H    . ALA   A 1 3 ? -2.13348  0.34439   -5.19155  1.000 8.48035  ? 4   ALA   A H    1 
ATOM   39  H  HA   . ALA   A 1 3 ? -2.57444  -0.41910  -2.74803  1.000 10.05223 ? 4   ALA   A HA   1 
ATOM   40  H  HB1  . ALA   A 1 3 ? -3.10093  -2.46385  -3.68321  1.000 11.95854 ? 4   ALA   A HB1  1 
ATOM   41  H  HB2  . ALA   A 1 3 ? -3.71743  -1.30275  -4.57500  1.000 11.95854 ? 4   ALA   A HB2  1 
ATOM   42  H  HB3  . ALA   A 1 3 ? -2.38719  -2.03796  -5.03698  1.000 11.95854 ? 4   ALA   A HB3  1 
HETATM 43  N  N    . AIB   A 1 4 ? 0.20769   -1.45024  -3.90849  1.000 7.94260  ? 5   AIB   A N    1 
HETATM 44  C  CA   . AIB   A 1 4 ? 1.47798   -2.07959  -3.58590  1.000 8.13392  ? 5   AIB   A CA   1 
HETATM 45  C  C    . AIB   A 1 4 ? 2.09513   -1.38303  -2.37365  1.000 7.11361  ? 5   AIB   A C    1 
HETATM 46  O  O    . AIB   A 1 4 ? 2.74484   -1.99308  -1.54706  1.000 8.34827  ? 5   AIB   A O    1 
HETATM 47  C  CB1  . AIB   A 1 4 ? 1.31530   -3.58130  -3.28118  1.000 9.09303  ? 5   AIB   A CB1  1 
HETATM 48  C  CB2  . AIB   A 1 4 ? 2.38820   -1.93177  -4.80452  1.000 8.09788  ? 5   AIB   A CB2  1 
HETATM 49  H  H    . AIB   A 1 4 ? 0.16514   -1.14984  -4.71319  1.000 9.53124  ? 5   AIB   A H    1 
HETATM 50  H  HB11 . AIB   A 1 4 ? 0.99038   -4.07288  -4.05170  1.000 10.91176 ? 5   AIB   A HB11 1 
HETATM 51  H  HB12 . AIB   A 1 4 ? 2.15507   -3.98934  -3.01814  1.000 10.91176 ? 5   AIB   A HB12 1 
HETATM 52  H  HB13 . AIB   A 1 4 ? 0.68612   -3.73716  -2.55957  1.000 10.91176 ? 5   AIB   A HB13 1 
HETATM 53  H  HB21 . AIB   A 1 4 ? 3.23748   -2.38138  -4.67231  1.000 9.71758  ? 5   AIB   A HB21 1 
HETATM 54  H  HB22 . AIB   A 1 4 ? 1.98302   -2.30987  -5.60062  1.000 9.71758  ? 5   AIB   A HB22 1 
HETATM 55  H  HB23 . AIB   A 1 4 ? 2.58188   -1.00048  -4.99450  1.000 9.71758  ? 5   AIB   A HB23 1 
ATOM   56  N  N    . LEU   A 1 5 ? 1.90884   -0.06607  -2.28735  1.000 6.88187  ? 6   LEU   A N    1 
ATOM   57  C  CA   . LEU   A 1 5 ? 2.47247   0.68897   -1.18377  1.000 7.12154  ? 6   LEU   A CA   1 
ATOM   58  C  C    . LEU   A 1 5 ? 1.54778   0.71470   0.04432   1.000 7.73600  ? 6   LEU   A C    1 
ATOM   59  O  O    . LEU   A 1 5 ? 2.00844   0.56546   1.18491   1.000 8.00828  ? 6   LEU   A O    1 
ATOM   60  C  CB   . LEU   A 1 5 ? 2.77857   2.12421   -1.64352  1.000 7.64786  ? 6   LEU   A CB   1 
ATOM   61  C  CG   . LEU   A 1 5 ? 3.67379   2.25258   -2.87022  1.000 9.65789  ? 6   LEU   A CG   1 
ATOM   62  C  CD1  . LEU   A 1 5 ? 3.87189   3.68701   -3.23961  1.000 10.18571 ? 6   LEU   A CD1  1 
ATOM   63  C  CD2  . LEU   A 1 5 ? 5.02100   1.60511   -2.64432  1.000 11.10286 ? 6   LEU   A CD2  1 
ATOM   64  H  H    . LEU   A 1 5 ? 1.46298   0.40387   -2.85302  1.000 8.25836  ? 6   LEU   A H    1 
ATOM   65  H  HA   . LEU   A 1 5 ? 3.29626   0.25987   -0.90424  1.000 8.54597  ? 6   LEU   A HA   1 
ATOM   66  H  HB2  . LEU   A 1 5 ? 1.93821   2.56077   -1.85356  1.000 9.17755  ? 6   LEU   A HB2  1 
ATOM   67  H  HB3  . LEU   A 1 5 ? 3.22034   2.58796   -0.91504  1.000 9.17755  ? 6   LEU   A HB3  1 
ATOM   68  H  HG   . LEU   A 1 5 ? 3.23282   1.79513   -3.60316  1.000 11.58959 ? 6   LEU   A HG   1 
ATOM   69  H  HD11 . LEU   A 1 5 ? 4.34794   3.73295   -4.08351  1.000 12.22297 ? 6   LEU   A HD11 1 
ATOM   70  H  HD12 . LEU   A 1 5 ? 3.00500   4.11371   -3.32520  1.000 12.22297 ? 6   LEU   A HD12 1 
ATOM   71  H  HD13 . LEU   A 1 5 ? 4.38833   4.12375   -2.54430  1.000 12.22297 ? 6   LEU   A HD13 1 
ATOM   72  H  HD21 . LEU   A 1 5 ? 5.55821   1.70600   -3.44565  1.000 13.32355 ? 6   LEU   A HD21 1 
ATOM   73  H  HD22 . LEU   A 1 5 ? 5.45873   2.03977   -1.89575  1.000 13.32355 ? 6   LEU   A HD22 1 
ATOM   74  H  HD23 . LEU   A 1 5 ? 4.89039   0.66380   -2.44999  1.000 13.32355 ? 6   LEU   A HD23 1 
HETATM 75  N  N    . AIB   A 1 6 ? 0.25120   0.88065   -0.22142  1.000 7.88299  ? 7   AIB   A N    1 
HETATM 76  C  CA   . AIB   A 1 6 ? -0.78059  1.01863   0.80664   1.000 8.50166  ? 7   AIB   A CA   1 
HETATM 77  C  C    . AIB   A 1 6 ? -0.83655  -0.15349  1.75832   1.000 6.90586  ? 7   AIB   A C    1 
HETATM 78  O  O    . AIB   A 1 6 ? -1.38097  -0.05433  2.85891   1.000 7.45006  ? 7   AIB   A O    1 
HETATM 79  C  CB1  . AIB   A 1 6 ? -0.57555  2.29356   1.64875   1.000 9.25594  ? 7   AIB   A CB1  1 
HETATM 80  C  CB2  . AIB   A 1 6 ? -2.15022  1.14027   0.13056   1.000 9.85572  ? 7   AIB   A CB2  1 
HETATM 81  H  H    . AIB   A 1 6 ? -0.06827  0.91802   -1.01901  1.000 9.45970  ? 7   AIB   A H    1 
HETATM 82  H  HB11 . AIB   A 1 6 ? 0.32768   2.35476   1.99706   1.000 11.10724 ? 7   AIB   A HB11 1 
HETATM 83  H  HB12 . AIB   A 1 6 ? -0.73463  3.09795   1.13054   1.000 11.10724 ? 7   AIB   A HB12 1 
HETATM 84  H  HB13 . AIB   A 1 6 ? -1.17566  2.32363   2.41024   1.000 11.10724 ? 7   AIB   A HB13 1 
HETATM 85  H  HB21 . AIB   A 1 6 ? -2.84344  1.37306   0.76787   1.000 11.82698 ? 7   AIB   A HB21 1 
HETATM 86  H  HB22 . AIB   A 1 6 ? -2.14941  1.82462   -0.55687  1.000 11.82698 ? 7   AIB   A HB22 1 
HETATM 87  H  HB23 . AIB   A 1 6 ? -2.41495  0.30813   -0.29177  1.000 11.82698 ? 7   AIB   A HB23 1 
ATOM   88  N  N    . GLN   A 1 7 ? -0.32418  -1.30167  1.31735   1.000 6.03237  ? 8   GLN   A N    1 
ATOM   89  C  CA   . GLN   A 1 7 ? -0.33423  -2.47127  2.17025   1.000 5.69122  ? 8   GLN   A CA   1 
ATOM   90  C  C    . GLN   A 1 7 ? 0.31031   -2.18311  3.53483   1.000 5.28701  ? 8   GLN   A C    1 
ATOM   91  O  O    . GLN   A 1 7 ? -0.04086  -2.86785  4.50344   1.000 5.58982  ? 8   GLN   A O    1 
ATOM   92  C  CB   . GLN   A 1 7 ? 0.33620   -3.68131  1.51208   1.000 5.88440  ? 8   GLN   A CB   1 
ATOM   93  C  CG   . GLN   A 1 7 ? 1.81315   -3.49573  1.27259   1.000 6.07507  ? 8   GLN   A CG   1 
ATOM   94  C  CD   . GLN   A 1 7 ? 2.47518   -4.71990  0.70185   1.000 5.52523  ? 8   GLN   A CD   1 
ATOM   95  O  OE1  . GLN   A 1 7 ? 2.45775   -5.80084  1.29925   1.000 5.94776  ? 8   GLN   A OE1  1 
ATOM   96  N  NE2  . GLN   A 1 7 ? 3.07066   -4.56952  -0.46915  1.000 6.53103  ? 8   GLN   A NE2  1 
ATOM   97  H  H    . GLN   A 1 7 ? 0.02700   -1.41948  0.54121   1.000 7.23897  ? 8   GLN   A H    1 
ATOM   98  H  HA   . GLN   A 1 7 ? -1.26224  -2.71176  2.31813   1.000 6.82958  ? 8   GLN   A HA   1 
ATOM   99  H  HB2  . GLN   A 1 7 ? 0.22353   -4.45310  2.08874   1.000 7.06139  ? 8   GLN   A HB2  1 
ATOM   100 H  HB3  . GLN   A 1 7 ? -0.08568  -3.84397  0.65390   1.000 7.06139  ? 8   GLN   A HB3  1 
ATOM   101 H  HG2  . GLN   A 1 7 ? 1.94149   -2.76687  0.64553   1.000 7.29020  ? 8   GLN   A HG2  1 
ATOM   102 H  HG3  . GLN   A 1 7 ? 2.24536   -3.28797  2.11575   1.000 7.29020  ? 8   GLN   A HG3  1 
ATOM   103 H  HE21 . GLN   A 1 7 ? 3.06404   -3.80333  -0.85968  1.000 7.83735  ? 8   GLN   A HE21 1 
ATOM   104 H  HE22 . GLN   A 1 7 ? 3.46455   -5.23791  -0.84023  1.000 7.83735  ? 8   GLN   A HE22 1 
HETATM 105 N  N    . AIB   A 1 8 ? 1.20713   -1.22249  3.60873   1.000 5.38521  ? 9   AIB   A N    1 
HETATM 106 C  CA   . AIB   A 1 8 ? 1.82157   -0.82137  4.87852   1.000 6.45444  ? 9   AIB   A CA   1 
HETATM 107 C  C    . AIB   A 1 8 ? 0.76226   -0.58726  5.97204   1.000 6.92558  ? 9   AIB   A C    1 
HETATM 108 O  O    . AIB   A 1 8 ? 1.00083   -0.83603  7.15879   1.000 8.28779  ? 9   AIB   A O    1 
HETATM 109 C  CB1  . AIB   A 1 8 ? 2.79805   -1.89653  5.40138   1.000 6.76250  ? 9   AIB   A CB1  1 
HETATM 110 C  CB2  . AIB   A 1 8 ? 2.54292   0.50119   4.65200   1.000 7.16870  ? 9   AIB   A CB2  1 
HETATM 111 H  H    . AIB   A 1 8 ? 1.48887   -0.77311  2.93178   1.000 6.46237  ? 9   AIB   A H    1 
HETATM 112 H  HB11 . AIB   A 1 8 ? 3.53894   -2.03851  4.79160   1.000 8.11512  ? 9   AIB   A HB11 1 
HETATM 113 H  HB12 . AIB   A 1 8 ? 3.17962   -1.65133  6.25881   1.000 8.11512  ? 9   AIB   A HB12 1 
HETATM 114 H  HB13 . AIB   A 1 8 ? 2.36071   -2.75410  5.52057   1.000 8.11512  ? 9   AIB   A HB13 1 
HETATM 115 H  HB21 . AIB   A 1 8 ? 3.20932   0.42879   3.95088   1.000 8.60256  ? 9   AIB   A HB21 1 
HETATM 116 H  HB22 . AIB   A 1 8 ? 1.92677   1.20389   4.39223   1.000 8.60256  ? 9   AIB   A HB22 1 
HETATM 117 H  HB23 . AIB   A 1 8 ? 2.99969   0.80051   5.45368   1.000 8.60256  ? 9   AIB   A HB23 1 
ATOM   118 N  N    A LEU   A 1 9 ? -0.40118  -0.08070  5.56844   0.658 5.65676  ? 10  LEU   A N    1 
ATOM   119 N  N    B LEU   A 1 9 ? -0.38519  -0.07124  5.53149   0.342 7.19298  ? 10  LEU   A N    1 
ATOM   120 C  CA   A LEU   A 1 9 ? -1.46587  0.25272   6.51204   0.658 6.69225  ? 10  LEU   A CA   1 
ATOM   121 C  CA   B LEU   A 1 9 ? -1.46674  0.33499   6.41848   0.342 8.21660  ? 10  LEU   A CA   1 
ATOM   122 C  C    A LEU   A 1 9 ? -2.58898  -0.74973  6.59640   0.658 6.56038  ? 10  LEU   A C    1 
ATOM   123 C  C    B LEU   A 1 9 ? -2.50569  -0.75480  6.62532   0.342 8.76562  ? 10  LEU   A C    1 
ATOM   124 O  O    A LEU   A 1 9 ? -3.31151  -0.80170  7.58584   0.658 6.15058  ? 10  LEU   A O    1 
ATOM   125 O  O    B LEU   A 1 9 ? -3.68472  -0.46124  6.85568   0.342 8.29763  ? 10  LEU   A O    1 
ATOM   126 C  CB   A LEU   A 1 9 ? -2.05810  1.62871   6.14872   0.658 7.46817  ? 10  LEU   A CB   1 
ATOM   127 C  CB   B LEU   A 1 9 ? -2.15075  1.59399   5.85659   0.342 8.53906  ? 10  LEU   A CB   1 
ATOM   128 C  CG   A LEU   A 1 9 ? -1.04178  2.74017   5.99814   0.658 7.49894  ? 10  LEU   A CG   1 
ATOM   129 C  CG   B LEU   A 1 9 ? -1.30131  2.86093   5.84878   0.342 9.20604  ? 10  LEU   A CG   1 
ATOM   130 C  CD1  A LEU   A 1 9 ? -1.71417  4.05400   5.61826   0.658 8.13104  ? 10  LEU   A CD1  1 
ATOM   131 C  CD1  B LEU   A 1 9 ? -1.97559  3.99616   5.08884   0.342 10.23085 ? 10  LEU   A CD1  1 
ATOM   132 C  CD2  A LEU   A 1 9 ? -0.26186  2.91822   7.29599   0.658 8.16299  ? 10  LEU   A CD2  1 
ATOM   133 C  CD2  B LEU   A 1 9 ? -0.99283  3.30101   7.27592   0.342 9.58200  ? 10  LEU   A CD2  1 
ATOM   134 H  H    A LEU   A 1 9 ? -0.60005  0.08042   4.74741   0.658 6.78823  ? 10  LEU   A H    1 
ATOM   135 H  H    B LEU   A 1 9 ? -0.56385  0.05606   4.69994   0.342 8.63169  ? 10  LEU   A H    1 
ATOM   136 H  HA   A LEU   A 1 9 ? -1.05805  0.26272   7.39208   0.658 8.03082  ? 10  LEU   A HA   1 
ATOM   137 H  HA   B LEU   A 1 9 ? -1.08463  0.52791   7.28893   0.342 9.86004  ? 10  LEU   A HA   1 
ATOM   138 H  HB2  A LEU   A 1 9 ? -2.52850  1.54692   5.30437   0.658 8.96193  ? 10  LEU   A HB2  1 
ATOM   139 H  HB2  B LEU   A 1 9 ? -2.40991  1.41482   4.93918   0.342 10.24699 ? 10  LEU   A HB2  1 
ATOM   140 H  HB3  A LEU   A 1 9 ? -2.67615  1.89115   6.84876   0.658 8.96193  ? 10  LEU   A HB3  1 
ATOM   141 H  HB3  B LEU   A 1 9 ? -2.93735  1.77742   6.39374   0.342 10.24699 ? 10  LEU   A HB3  1 
ATOM   142 H  HG   A LEU   A 1 9 ? -0.42674  2.50032   5.28745   0.658 8.99885  ? 10  LEU   A HG   1 
ATOM   143 H  HG   B LEU   A 1 9 ? -0.47020  2.65937   5.39102   0.342 11.04736 ? 10  LEU   A HG   1 
ATOM   144 H  HD11 A LEU   A 1 9 ? -1.03331  4.73487   5.50105   0.658 9.75737  ? 10  LEU   A HD11 1 
ATOM   145 H  HD11 B LEU   A 1 9 ? -1.34813  4.72992   4.99514   0.342 12.27714 ? 10  LEU   A HD11 1 
ATOM   146 H  HD12 A LEU   A 1 9 ? -2.20413  3.93017   4.79031   0.658 9.75737  ? 10  LEU   A HD12 1 
ATOM   147 H  HD12 B LEU   A 1 9 ? -2.24247  3.67529   4.21321   0.342 12.27714 ? 10  LEU   A HD12 1 
ATOM   148 H  HD13 A LEU   A 1 9 ? -2.32306  4.31370   6.32728   0.658 9.75737  ? 10  LEU   A HD13 1 
ATOM   149 H  HD13 B LEU   A 1 9 ? -2.75550  4.28924   5.58558   0.342 12.27714 ? 10  LEU   A HD13 1 
ATOM   150 H  HD21 A LEU   A 1 9 ? 0.26667   3.72951   7.23805   0.658 9.79571  ? 10  LEU   A HD21 1 
ATOM   151 H  HD21 B LEU   A 1 9 ? -0.57951  4.17825   7.25353   0.342 11.49851 ? 10  LEU   A HD21 1 
ATOM   152 H  HD22 A LEU   A 1 9 ? -0.88777  2.98322   8.03418   0.658 9.79571  ? 10  LEU   A HD22 1 
ATOM   153 H  HD22 B LEU   A 1 9 ? -1.82026  3.33801   7.78082   0.342 11.49851 ? 10  LEU   A HD22 1 
ATOM   154 H  HD23 A LEU   A 1 9 ? 0.32016   2.15258   7.42225   0.658 9.79571  ? 10  LEU   A HD23 1 
ATOM   155 H  HD23 B LEU   A 1 9 ? -0.38711  2.66018   7.68006   0.342 11.49851 ? 10  LEU   A HD23 1 
HETATM 156 C  C11  A I77   B 2 . ? -5.54793  -4.52837  4.90853   0.749 9.07106  ? 101 I77   A C11  1 
HETATM 157 C  C11  B I77   B 2 . ? -6.10705  -4.07306  4.76640   0.251 12.24528 ? 101 I77   A C11  1 
HETATM 158 C  C12  A I77   B 2 . ? -4.69150  -4.83926  5.95135   0.749 8.37221  ? 101 I77   A C12  1 
HETATM 159 C  C12  B I77   B 2 . ? -5.23345  -4.32946  5.80807   0.251 12.11709 ? 101 I77   A C12  1 
HETATM 160 C  C13  A I77   B 2 . ? -3.53921  -3.94316  6.31589   0.749 8.56655  ? 101 I77   A C13  1 
HETATM 161 C  C13  B I77   B 2 . ? -4.15693  -3.30386  6.15873   0.251 11.87521 ? 101 I77   A C13  1 
HETATM 162 C  C17  A I77   B 2 . ? -4.81749  -6.02602  6.61918   0.749 7.56885  ? 101 I77   A C17  1 
HETATM 163 C  C17  B I77   B 2 . ? -5.29388  -5.55540  6.47689   0.251 12.17710 ? 101 I77   A C17  1 
HETATM 164 C  C18  A I77   B 2 . ? -5.84925  -6.84295  6.25525   0.749 7.75768  ? 101 I77   A C18  1 
HETATM 165 C  C18  B I77   B 2 . ? -6.25390  -6.46328  6.08152   0.251 12.07775 ? 101 I77   A C18  1 
HETATM 166 C  C02  A I77   B 2 . ? -10.96037 -9.96656  3.74308   0.749 6.47493  ? 101 I77   A C02  1 
HETATM 167 C  C02  B I77   B 2 . ? -11.14779 -9.86915  3.39804   0.251 9.89052  ? 101 I77   A C02  1 
HETATM 168 C  C03  A I77   B 2 . ? -9.82923  -9.03890  4.16272   0.749 6.72559  ? 101 I77   A C03  1 
HETATM 169 C  C03  B I77   B 2 . ? -10.07644 -8.84643  3.82057   0.251 10.67604 ? 101 I77   A C03  1 
HETATM 170 C  C04  A I77   B 2 . ? -9.67953  -7.86468  3.45191   0.749 7.52753  ? 101 I77   A C04  1 
HETATM 171 C  C04  B I77   B 2 . ? -10.03390 -7.61516  3.18223   0.251 11.12811 ? 101 I77   A C04  1 
HETATM 172 C  C05  A I77   B 2 . ? -8.64870  -7.02643  3.81026   0.749 7.81139  ? 101 I77   A C05  1 
HETATM 173 C  C05  B I77   B 2 . ? -9.05544  -6.72452  3.58745   0.251 11.30608 ? 101 I77   A C05  1 
HETATM 174 C  C06  A I77   B 2 . ? -8.93607  -9.34452  5.20173   0.749 7.01366  ? 101 I77   A C06  1 
HETATM 175 C  C06  B I77   B 2 . ? -9.16839  -9.15450  4.81797   0.251 11.36927 ? 101 I77   A C06  1 
HETATM 176 C  C08  A I77   B 2 . ? -7.81250  -7.38627  4.84802   0.749 7.31666  ? 101 I77   A C08  1 
HETATM 177 C  C08  B I77   B 2 . ? -8.17859  -7.09269  4.59465   0.251 11.63332 ? 101 I77   A C08  1 
HETATM 178 C  C09  A I77   B 2 . ? -6.69320  -6.47129  5.22756   0.749 8.06073  ? 101 I77   A C09  1 
HETATM 179 C  C09  B I77   B 2 . ? -7.11088  -6.12428  5.04079   0.251 11.95036 ? 101 I77   A C09  1 
HETATM 180 N  N01  A I77   B 2 . ? -10.97656 -11.26311 4.36623   0.749 7.68031  ? 101 I77   A N01  1 
HETATM 181 N  N01  B I77   B 2 . ? -11.24374 -11.15807 4.05939   0.251 9.80888  ? 101 I77   A N01  1 
HETATM 182 N  N07  A I77   B 2 . ? -7.96342  -8.51869  5.50674   0.749 7.85864  ? 101 I77   A N07  1 
HETATM 183 N  N07  B I77   B 2 . ? -8.25745  -8.27255  5.17063   0.251 11.79093 ? 101 I77   A N07  1 
HETATM 184 N  N10  A I77   B 2 . ? -6.52045  -5.33844  4.58407   0.749 9.08731  ? 101 I77   A N10  1 
HETATM 185 N  N10  B I77   B 2 . ? -7.01570  -4.96046  4.42768   0.251 12.25347 ? 101 I77   A N10  1 
HETATM 186 N  N14  A I77   B 2 . ? -3.44452  -2.72693  5.55386   0.749 6.68501  ? 101 I77   A N14  1 
HETATM 187 N  N14  B I77   B 2 . ? -3.87345  -2.27231  5.14957   0.251 11.03582 ? 101 I77   A N14  1 
HETATM 188 N  N15  A I77   B 2 . ? -2.38241  -1.87974  5.76297   0.749 6.18615  ? 101 I77   A N15  1 
HETATM 189 N  N15  B I77   B 2 . ? -2.86785  -1.29918  5.35938   0.251 9.91339  ? 101 I77   A N15  1 
HETATM 190 O  O16  A I77   B 2 . ? -2.73748  -4.23902  7.14497   0.749 11.48376 ? 101 I77   A O16  1 
HETATM 191 O  O16  B I77   B 2 . ? -3.55320  -3.36682  7.18404   0.251 12.07457 ? 101 I77   A O16  1 
HETATM 192 O  O19  A I77   B 2 . ? -11.77739 -9.64875  2.92745   0.749 7.15076  ? 101 I77   A O19  1 
HETATM 193 O  O19  B I77   B 2 . ? -11.89191 -9.60465  2.52373   0.251 9.03539  ? 101 I77   A O19  1 
HETATM 194 H  H111 A I77   B 2 . ? -5.41111  -3.60971  4.35936   0.749 10.88539 ? 101 I77   A H111 1 
HETATM 195 H  H111 B I77   B 2 . ? -6.04224  -3.13963  4.22906   0.251 14.69446 ? 101 I77   A H111 1 
HETATM 196 H  H171 A I77   B 2 . ? -4.12243  -6.30830  7.40994   0.749 9.08273  ? 101 I77   A H171 1 
HETATM 197 H  H171 B I77   B 2 . ? -4.60254  -5.78708  7.28712   0.251 14.61263 ? 101 I77   A H171 1 
HETATM 198 H  H181 A I77   B 2 . ? -6.00632  -7.78602  6.77456   0.749 9.30933  ? 101 I77   A H181 1 
HETATM 199 H  H181 B I77   B 2 . ? -6.33915  -7.42872  6.57588   0.251 14.49342 ? 101 I77   A H181 1 
HETATM 200 H  H041 A I77   B 2 . ? -10.34488 -7.61420  2.64690   0.749 9.03316  ? 101 I77   A H041 1 
HETATM 201 H  H041 B I77   B 2 . ? -10.73178 -7.36380  2.40554   0.251 13.35385 ? 101 I77   A H041 1 
HETATM 202 H  H051 A I77   B 2 . ? -8.49473  -6.09300  3.28312   0.749 9.37379  ? 101 I77   A H051 1 
HETATM 203 H  H051 B I77   B 2 . ? -8.97588  -5.74983  3.12213   0.251 13.56741 ? 101 I77   A H051 1 
HETATM 204 H  H061 A I77   B 2 . ? -9.05053  -10.26659 5.75422   0.749 8.41651  ? 101 I77   A H061 1 
HETATM 205 H  H061 B I77   B 2 . ? -9.20708  -10.11793 5.30671   0.251 13.64324 ? 101 I77   A H061 1 
HETATM 206 H  H011 A I77   B 2 . ? -10.27606 -11.49994 5.04128   0.749 9.21649  ? 101 I77   A H011 1 
HETATM 207 H  H011 B I77   B 2 . ? -10.61437 -11.38755 4.79785   0.251 11.77077 ? 101 I77   A H011 1 
HETATM 208 H  H012 A I77   B 2 . ? -11.69345 -11.92473 4.13410   0.749 9.21649  ? 101 I77   A H012 1 
HETATM 209 H  H012 B I77   B 2 . ? -11.94809 -11.81851 3.77189   0.251 11.77077 ? 101 I77   A H012 1 
HETATM 210 H  H141 A I77   B 2 . ? -4.14944  -2.49804  4.87362   0.749 8.02213  ? 101 I77   A H141 1 
HETATM 211 H  H141 B I77   B 2 . ? -4.40376  -2.25806  4.29482   0.251 13.24311 ? 101 I77   A H141 1 
HETATM 212 H  H1   A I77   B 2 . ? -2.10484  -1.52180  4.85970   0.749 7.42350  ? 101 I77   A H1   1 
HETATM 213 H  H1   B I77   B 2 . ? -2.23996  -1.32265  4.56905   0.251 11.89618 ? 101 I77   A H1   1 
HETATM 214 C  C05  A I6W   C 3 . ? -3.13071  -2.45722  -9.40841  0.783 8.01244  ? 102 I6W   A C05  1 
HETATM 215 C  C05  B I6W   C 3 . ? -3.17348  -3.00486  -8.79759  0.217 11.14044 ? 102 I6W   A C05  1 
HETATM 216 C  C08  A I6W   C 3 . ? -3.57614  -1.70095  -10.43190 0.783 8.06242  ? 102 I6W   A C08  1 
HETATM 217 C  C08  B I6W   C 3 . ? -3.78459  -2.41413  -9.86683  0.217 10.92972 ? 102 I6W   A C08  1 
HETATM 218 C  C09  A I6W   C 3 . ? -4.77339  -2.15359  -11.20410 0.783 8.39921  ? 102 I6W   A C09  1 
HETATM 219 C  C09  B I6W   C 3 . ? -4.96907  -3.05311  -10.59330 0.217 11.41493 ? 102 I6W   A C09  1 
HETATM 220 N  N10  A I6W   C 3 . ? -5.33350  -3.27520  -10.83757 0.783 8.79956  ? 102 I6W   A N10  1 
HETATM 221 N  N10  B I6W   C 3 . ? -5.40524  -4.25919  -10.30744 0.217 11.96387 ? 102 I6W   A N10  1 
HETATM 222 C  C02  A I6W   C 3 . ? -0.31047  -0.46531  -8.04579  0.783 8.29152  ? 102 I6W   A C02  1 
HETATM 223 C  C02  B I6W   C 3 . ? -0.47828  -0.38839  -8.06618  0.217 8.66511  ? 102 I6W   A C02  1 
HETATM 224 C  C03  A I6W   C 3 . ? -1.46942  -0.82988  -8.96608  0.783 7.78594  ? 102 I6W   A C03  1 
HETATM 225 C  C03  B I6W   C 3 . ? -1.66352  -1.14144  -8.69915  0.217 9.63507  ? 102 I6W   A C03  1 
HETATM 226 C  C04  A I6W   C 3 . ? -2.04082  -2.02684  -8.65737  0.783 8.37157  ? 102 I6W   A C04  1 
HETATM 227 C  C04  B I6W   C 3 . ? -2.08134  -2.35893  -8.18115  0.217 10.90042 ? 102 I6W   A C04  1 
HETATM 228 C  C06  A I6W   C 3 . ? -1.96903  -0.08231  -10.00830 0.783 7.76883  ? 102 I6W   A C06  1 
HETATM 229 C  C06  B I6W   C 3 . ? -2.31603  -0.60266  -9.78208  0.217 9.30308  ? 102 I6W   A C06  1 
HETATM 230 C  C11  A I6W   C 3 . ? -6.40771  -3.72341  -11.44165 0.783 8.48502  ? 102 I6W   A C11  1 
HETATM 231 C  C11  B I6W   C 3 . ? -6.42493  -4.80386  -10.95118 0.217 12.48621 ? 102 I6W   A C11  1 
HETATM 232 C  C12  A I6W   C 3 . ? -6.97554  -2.99549  -12.46923 0.783 9.19661  ? 102 I6W   A C12  1 
HETATM 233 C  C12  B I6W   C 3 . ? -7.07328  -4.10392  -11.96334 0.217 12.74813 ? 102 I6W   A C12  1 
HETATM 234 C  C13  A I6W   C 3 . ? -8.22928  -3.53248  -13.17280 0.783 9.92016  ? 102 I6W   A C13  1 
HETATM 235 C  C13  B I6W   C 3 . ? -8.27201  -4.71862  -12.75110 0.217 13.79921 ? 102 I6W   A C13  1 
HETATM 236 C  C15  A I6W   C 3 . ? -9.85107  -5.25301  -13.18955 0.783 10.04461 ? 102 I6W   A C15  1 
HETATM 237 C  C15  B I6W   C 3 . ? -9.48358  -6.09218  -11.40873 0.217 15.25719 ? 102 I6W   A C15  1 
HETATM 238 C  C16  A I6W   C 3 . ? -9.99741  -6.65074  -12.54622 0.783 10.24991 ? 102 I6W   A C16  1 
HETATM 239 C  C16  B I6W   C 3 . ? -10.67161 -7.01482  -11.74307 0.217 15.32686 ? 102 I6W   A C16  1 
HETATM 240 C  C18  A I6W   C 3 . ? -6.44121  -1.81951  -12.86690 0.783 9.42351  ? 102 I6W   A C18  1 
HETATM 241 C  C18  B I6W   C 3 . ? -6.65017  -2.84568  -12.28819 0.217 12.21645 ? 102 I6W   A C18  1 
HETATM 242 C  C19  A I6W   C 3 . ? -5.30485  -1.37667  -12.20702 0.783 9.15690  ? 102 I6W   A C19  1 
HETATM 243 C  C19  B I6W   C 3 . ? -5.57348  -2.31488  -11.58749 0.217 11.65756 ? 102 I6W   A C19  1 
HETATM 244 N  N07  A I6W   C 3 . ? -3.00851  -0.53646  -10.70172 0.783 8.26867  ? 102 I6W   A N07  1 
HETATM 245 N  N07  B I6W   C 3 . ? -3.34074  -1.24330  -10.32321 0.217 10.30142 ? 102 I6W   A N07  1 
HETATM 246 O  O01  A I6W   C 3 . ? -0.27488  -0.99757  -6.95525  0.783 8.23985  ? 102 I6W   A O01  1 
HETATM 247 O  O01  B I6W   C 3 . ? 0.14320   -0.95832  -7.20612  0.217 8.81480  ? 102 I6W   A O01  1 
HETATM 248 O  O14  A I6W   C 3 . ? -8.65690  -4.74237  -12.62079 0.783 10.12989 ? 102 I6W   A O14  1 
HETATM 249 O  O14  B I6W   C 3 . ? -8.61061  -6.07382  -12.53507 0.217 14.94111 ? 102 I6W   A O14  1 
HETATM 250 O  O17  A I6W   C 3 . ? -8.77156  -3.00048  -14.06902 0.783 10.89442 ? 102 I6W   A O17  1 
HETATM 251 O  O17  B I6W   C 3 . ? -8.89154  -4.06721  -13.50984 0.217 13.58724 ? 102 I6W   A O17  1 
HETATM 252 H  H051 A I6W   C 3 . ? -3.61197  -3.38175  -9.17546  0.783 9.61504  ? 102 I6W   A H051 1 
HETATM 253 H  H051 B I6W   C 3 . ? -3.51945  -3.94681  -8.43199  0.217 13.36864 ? 102 I6W   A H051 1 
HETATM 254 H  H041 A I6W   C 3 . ? -1.64190  -2.65088  -7.81724  0.783 10.04600 ? 102 I6W   A H041 1 
HETATM 255 H  H041 B I6W   C 3 . ? -1.56543  -2.81559  -7.29814  0.217 13.08062 ? 102 I6W   A H041 1 
HETATM 256 H  H061 A I6W   C 3 . ? -1.51688  0.87192   -10.26208 0.783 9.32271  ? 102 I6W   A H061 1 
HETATM 257 H  H061 B I6W   C 3 . ? -1.99094  0.34834   -10.19356 0.217 11.16382 ? 102 I6W   A H061 1 
HETATM 258 H  H111 A I6W   C 3 . ? -6.84213  -4.64793  -11.14036 0.783 10.18214 ? 102 I6W   A H111 1 
HETATM 259 H  H111 B I6W   C 3 . ? -6.75138  -5.78414  -10.69288 0.217 14.98357 ? 102 I6W   A H111 1 
HETATM 260 H  H152 A I6W   C 3 . ? -9.76165  -5.33224  -14.26595 0.783 12.05364 ? 102 I6W   A H152 1 
HETATM 261 H  H152 B I6W   C 3 . ? -9.84264  -5.09066  -11.20646 0.217 18.30874 ? 102 I6W   A H152 1 
HETATM 262 H  H151 A I6W   C 3 . ? -10.69634 -4.62384  -12.93948 0.783 12.05364 ? 102 I6W   A H151 1 
HETATM 263 H  H151 B I6W   C 3 . ? -8.95660  -6.47225  -10.54228 0.217 18.30874 ? 102 I6W   A H151 1 
HETATM 264 H  H162 A I6W   C 3 . ? -9.35794  -7.37346  -13.08659 0.783 12.30001 ? 102 I6W   A H162 1 
HETATM 265 H  H162 B I6W   C 3 . ? -10.44001 -7.59770  -12.65403 0.217 18.39235 ? 102 I6W   A H162 1 
HETATM 266 H  H163 A I6W   C 3 . ? -11.05314 -6.97490  -12.60629 0.783 12.30001 ? 102 I6W   A H163 1 
HETATM 267 H  H163 B I6W   C 3 . ? -11.57594 -6.40221  -11.91666 0.217 18.39235 ? 102 I6W   A H163 1 
HETATM 268 H  H161 A I6W   C 3 . ? -9.68572  -6.60250  -11.48614 0.783 12.30001 ? 102 I6W   A H161 1 
HETATM 269 H  H161 B I6W   C 3 . ? -10.85026 -7.70573  -10.89811 0.217 18.39235 ? 102 I6W   A H161 1 
HETATM 270 H  H181 A I6W   C 3 . ? -6.88601  -1.24007  -13.67590 0.783 11.30833 ? 102 I6W   A H181 1 
HETATM 271 H  H181 B I6W   C 3 . ? -7.14252  -2.27353  -13.07454 0.217 14.65986 ? 102 I6W   A H181 1 
HETATM 272 H  H191 A I6W   C 3 . ? -4.84142  -0.43038  -12.47815 0.783 10.98840 ? 102 I6W   A H191 1 
HETATM 273 H  H191 B I6W   C 3 . ? -5.20838  -1.31759  -11.82382 0.217 13.98919 ? 102 I6W   A H191 1 
HETATM 274 C  C01  A A1ATC D 4 . ? 7.18315   0.11106   -7.52809  0.431 11.89437 ? 103 A1ATC A C01  1 
HETATM 275 C  C02  A A1ATC D 4 . ? 7.27585   0.53927   -9.00326  0.431 11.85550 ? 103 A1ATC A C02  1 
HETATM 276 C  C04  A A1ATC D 4 . ? 7.89617   1.93214   -9.10618  0.431 9.16860  ? 103 A1ATC A C04  1 
HETATM 277 C  C05  A A1ATC D 4 . ? 9.09171   2.19356   -8.47155  0.431 8.19563  ? 103 A1ATC A C05  1 
HETATM 278 C  C06  A A1ATC D 4 . ? 9.64441   3.46015   -8.54370  0.431 7.56621  ? 103 A1ATC A C06  1 
HETATM 279 C  C07  A A1ATC D 4 . ? 9.02229   4.47411   -9.25188  0.431 6.93927  ? 103 A1ATC A C07  1 
HETATM 280 C  C08  A A1ATC D 4 . ? 7.82650   4.20832   -9.88344  0.431 7.84257  ? 103 A1ATC A C08  1 
HETATM 281 C  C09  A A1ATC D 4 . ? 7.25845   2.93768   -9.81575  0.431 8.06636  ? 103 A1ATC A C09  1 
HETATM 282 CL CL03 A A1ATC D 4 . ? 8.26970   -0.64602  -9.88844  0.431 13.88756 ? 103 A1ATC A CL03 1 
HETATM 283 H  H013 A A1ATC D 4 . ? 6.61056   -0.80872  -7.45347  0.431 14.27336 ? 103 A1ATC A H013 1 
HETATM 284 H  H011 A A1ATC D 4 . ? 6.69113   0.89131   -6.95492  0.431 14.27336 ? 103 A1ATC A H011 1 
HETATM 285 H  H012 A A1ATC D 4 . ? 8.18231   -0.05161  -7.13490  0.431 14.27336 ? 103 A1ATC A H012 1 
HETATM 286 H  H021 A A1ATC D 4 . ? 6.28394   0.57432   -9.43656  0.431 14.22672 ? 103 A1ATC A H021 1 
HETATM 287 H  H051 A A1ATC D 4 . ? 9.59634   1.41083   -7.91875  0.431 9.83488  ? 103 A1ATC A H051 1 
HETATM 288 H  H061 A A1ATC D 4 . ? 10.58018  3.66181   -8.03720  0.431 9.07956  ? 103 A1ATC A H061 1 
HETATM 289 H  H071 A A1ATC D 4 . ? 9.46780   5.45960   -9.30863  0.431 8.32725  ? 103 A1ATC A H071 1 
HETATM 290 H  H081 A A1ATC D 4 . ? 7.32466   4.99273   -10.43639 0.431 9.41120  ? 103 A1ATC A H081 1 
HETATM 291 H  H091 A A1ATC D 4 . ? 6.31981   2.73605   -10.31695 0.431 9.67975  ? 103 A1ATC A H091 1 
HETATM 292 C  C01  B A1C1V E 5 . ? 7.46076   0.66218   -7.00186  0.569 21.14478 ? 104 A1C1V A C01  1 
HETATM 293 C  C02  B A1C1V E 5 . ? 8.52462   0.99209   -8.04982  0.569 21.46293 ? 104 A1C1V A C02  1 
HETATM 294 C  C04  B A1C1V E 5 . ? 8.31576   2.36326   -8.69327  0.569 20.92517 ? 104 A1C1V A C04  1 
HETATM 295 C  C05  B A1C1V E 5 . ? 7.13677   2.71648   -9.33168  0.569 20.75606 ? 104 A1C1V A C05  1 
HETATM 296 C  C06  B A1C1V E 5 . ? 7.00366   3.97785   -9.89563  0.569 20.56434 ? 104 A1C1V A C06  1 
HETATM 297 C  C07  B A1C1V E 5 . ? 8.04808   4.88348   -9.82321  0.569 20.52443 ? 104 A1C1V A C07  1 
HETATM 298 C  C08  B A1C1V E 5 . ? 9.22454   4.52926   -9.18691  0.569 20.63196 ? 104 A1C1V A C08  1 
HETATM 299 C  C09  B A1C1V E 5 . ? 9.35703   3.27253   -8.62621  0.569 20.70847 ? 104 A1C1V A C09  1 
HETATM 300 CL CL03 B A1C1V E 5 . ? 8.45956   -0.26993  -9.31026  0.569 22.40854 ? 104 A1C1V A CL03 1 
HETATM 301 H  H012 B A1C1V E 5 . ? 7.83726   -0.10644  -6.33338  0.569 25.37385 ? 104 A1C1V A H012 1 
HETATM 302 H  H011 B A1C1V E 5 . ? 6.56357   0.30321   -7.49743  0.569 25.37385 ? 104 A1C1V A H011 1 
HETATM 303 H  H013 B A1C1V E 5 . ? 7.22604   1.55549   -6.43066  0.569 25.37385 ? 104 A1C1V A H013 1 
HETATM 304 H  H021 B A1C1V E 5 . ? 9.48961   1.02099   -7.55905  0.569 25.75564 ? 104 A1C1V A H021 1 
HETATM 305 H  H051 B A1C1V E 5 . ? 6.31962   2.00817   -9.39037  0.569 24.90739 ? 104 A1C1V A H051 1 
HETATM 306 H  H061 B A1C1V E 5 . ? 6.08187   4.25369   -10.39272 0.569 24.67732 ? 104 A1C1V A H061 1 
HETATM 307 H  H071 B A1C1V E 5 . ? 7.94443   5.86829   -10.26419 0.569 24.62944 ? 104 A1C1V A H071 1 
HETATM 308 H  H081 B A1C1V E 5 . ? 10.04220  5.23698   -9.12805  0.569 24.75847 ? 104 A1C1V A H081 1 
HETATM 309 H  H091 B A1C1V E 5 . ? 10.28066  2.99806   -8.13179  0.569 24.85028 ? 104 A1C1V A H091 1 
HETATM 310 C  C01  . A1ATC F 4 . ? 4.13164   -1.29494  -10.83210 0.748 17.80234 ? 105 A1ATC A C01  1 
HETATM 311 C  C02  . A1ATC F 4 . ? 3.21396   -1.59665  -9.65771  0.748 17.58212 ? 105 A1ATC A C02  1 
HETATM 312 C  C04  . A1ATC F 4 . ? 2.59502   -2.98845  -9.68444  0.748 18.41965 ? 105 A1ATC A C04  1 
HETATM 313 C  C05  . A1ATC F 4 . ? 3.01709   -3.96172  -10.57346 0.748 19.66430 ? 105 A1ATC A C05  1 
HETATM 314 C  C06  . A1ATC F 4 . ? 2.41250   -5.21231  -10.55981 0.748 20.50276 ? 105 A1ATC A C06  1 
HETATM 315 C  C07  . A1ATC F 4 . ? 1.39736   -5.48859  -9.65341  0.748 20.92718 ? 105 A1ATC A C07  1 
HETATM 316 C  C08  . A1ATC F 4 . ? 0.98506   -4.51585  -8.76098  0.748 20.32787 ? 105 A1ATC A C08  1 
HETATM 317 C  C09  . A1ATC F 4 . ? 1.58865   -3.27050  -8.78084  0.748 18.95155 ? 105 A1ATC A C09  1 
HETATM 318 CL CL03 . A1ATC F 4 . ? 4.16971   -1.55473  -8.15874  0.748 17.28977 ? 105 A1ATC A CL03 1 
HETATM 319 H  H013 . A1ATC F 4 . ? 5.00485   -1.93881  -10.78387 0.748 21.36292 ? 105 A1ATC A H013 1 
HETATM 320 H  H011 . A1ATC F 4 . ? 4.44505   -0.25605  -10.78898 0.748 21.36292 ? 105 A1ATC A H011 1 
HETATM 321 H  H012 . A1ATC F 4 . ? 3.60034   -1.47451  -11.76208 0.748 21.36292 ? 105 A1ATC A H012 1 
HETATM 322 H  H021 . A1ATC F 4 . ? 2.42648   -0.85534  -9.71464  0.748 21.09866 ? 105 A1ATC A H021 1 
HETATM 323 H  H051 . A1ATC F 4 . ? 3.81392   -3.74953  -11.27554 0.748 23.59727 ? 105 A1ATC A H051 1 
HETATM 324 H  H061 . A1ATC F 4 . ? 2.73404   -5.97466  -11.25862 0.748 24.60342 ? 105 A1ATC A H061 1 
HETATM 325 H  H071 . A1ATC F 4 . ? 0.92892   -6.46500  -9.64538  0.748 25.11273 ? 105 A1ATC A H071 1 
HETATM 326 H  H081 . A1ATC F 4 . ? 0.19493   -4.72722  -8.05111  0.748 24.39356 ? 105 A1ATC A H081 1 
HETATM 327 H  H091 . A1ATC F 4 . ? 1.26862   -2.50890  -8.08052  0.748 22.74197 ? 105 A1ATC A H091 1 
# 
loop_
_atom_site_anisotrop.id 
_atom_site_anisotrop.type_symbol 
_atom_site_anisotrop.pdbx_label_atom_id 
_atom_site_anisotrop.pdbx_label_alt_id 
_atom_site_anisotrop.pdbx_label_comp_id 
_atom_site_anisotrop.pdbx_label_asym_id 
_atom_site_anisotrop.pdbx_label_seq_id 
_atom_site_anisotrop.pdbx_PDB_ins_code 
_atom_site_anisotrop.U[1][1] 
_atom_site_anisotrop.U[2][2] 
_atom_site_anisotrop.U[3][3] 
_atom_site_anisotrop.U[1][2] 
_atom_site_anisotrop.U[1][3] 
_atom_site_anisotrop.U[2][3] 
_atom_site_anisotrop.pdbx_auth_seq_id 
_atom_site_anisotrop.pdbx_auth_comp_id 
_atom_site_anisotrop.pdbx_auth_asym_id 
_atom_site_anisotrop.pdbx_auth_atom_id 
1   N  N    . LEU   A 1 ? 0.09331 0.11021 0.11729 -0.01498 0.00025  -0.00601 2   LEU   A N    
2   C  CA   . LEU   A 1 ? 0.08986 0.10154 0.11107 0.00253  -0.02104 0.01712  2   LEU   A CA   
3   C  C    . LEU   A 1 ? 0.08730 0.07852 0.09462 0.00974  -0.02271 0.01788  2   LEU   A C    
4   O  O    . LEU   A 1 ? 0.09005 0.08815 0.09948 0.00384  -0.02287 0.02717  2   LEU   A O    
5   C  CB   . LEU   A 1 ? 0.09626 0.10780 0.11476 -0.00673 -0.00166 0.01318  2   LEU   A CB   
6   C  CG   . LEU   A 1 ? 0.11161 0.12129 0.13900 -0.01954 -0.01180 0.01182  2   LEU   A CG   
7   C  CD1  . LEU   A 1 ? 0.11578 0.13922 0.14825 -0.02650 -0.01779 0.01545  2   LEU   A CD1  
8   C  CD2  . LEU   A 1 ? 0.13090 0.12292 0.13035 -0.03596 -0.00520 0.01506  2   LEU   A CD2  
20  N  N    . AIB   A 2 ? 0.08278 0.07609 0.08124 -0.00425 -0.02466 0.01019  3   AIB   A N    
21  C  CA   . AIB   A 2 ? 0.05822 0.06280 0.10691 -0.00142 -0.02735 0.02568  3   AIB   A CA   
22  C  C    . AIB   A 2 ? 0.07421 0.07330 0.10053 -0.01736 -0.01776 0.01311  3   AIB   A C    
23  O  O    . AIB   A 2 ? 0.08181 0.08408 0.10171 -0.02352 -0.01649 0.02880  3   AIB   A O    
24  C  CB1  . AIB   A 2 ? 0.09258 0.06119 0.10399 -0.01246 -0.03299 0.03054  3   AIB   A CB1  
25  C  CB2  . AIB   A 2 ? 0.07967 0.06805 0.10620 -0.01295 -0.01580 0.00821  3   AIB   A CB2  
33  N  N    . ALA   A 3 ? 0.08670 0.08092 0.10089 -0.03032 -0.02246 0.01797  4   ALA   A N    
34  C  CA   . ALA   A 3 ? 0.09981 0.07816 0.14031 -0.04432 -0.00397 0.02362  4   ALA   A CA   
35  C  C    . ALA   A 3 ? 0.11881 0.05949 0.12551 -0.03906 -0.01313 0.01967  4   ALA   A C    
36  O  O    . ALA   A 3 ? 0.12357 0.07549 0.14719 -0.03860 -0.03181 0.03414  4   ALA   A O    
37  C  CB   . ALA   A 3 ? 0.10661 0.09397 0.17805 -0.04936 -0.00838 0.02642  4   ALA   A CB   
43  N  N    . AIB   A 4 ? 0.11921 0.05797 0.12459 -0.02813 -0.01617 0.01199  5   AIB   A N    
44  C  CA   . AIB   A 4 ? 0.12529 0.05747 0.12629 -0.01726 -0.02466 0.01190  5   AIB   A CA   
45  C  C    . AIB   A 4 ? 0.10902 0.05726 0.10401 -0.01414 -0.02512 0.03108  5   AIB   A C    
46  O  O    . AIB   A 4 ? 0.13857 0.07325 0.10538 -0.00267 -0.03165 0.02611  5   AIB   A O    
47  C  CB1  . AIB   A 4 ? 0.14295 0.05958 0.14296 -0.01745 -0.03587 0.00550  5   AIB   A CB1  
48  C  CB2  . AIB   A 4 ? 0.11433 0.08308 0.11027 -0.00081 -0.02156 0.00217  5   AIB   A CB2  
56  N  N    . LEU   A 5 ? 0.09140 0.06696 0.10313 -0.02849 -0.02259 0.02293  6   LEU   A N    
57  C  CA   . LEU   A 5 ? 0.10318 0.07372 0.09369 -0.02756 -0.02648 0.02250  6   LEU   A CA   
58  C  C    . LEU   A 5 ? 0.11300 0.07186 0.10908 -0.01808 -0.01531 0.03106  6   LEU   A C    
59  O  O    . LEU   A 5 ? 0.11913 0.08457 0.10057 -0.02562 -0.02003 0.02548  6   LEU   A O    
60  C  CB   . LEU   A 5 ? 0.11611 0.07527 0.09920 -0.03434 -0.04051 0.01446  6   LEU   A CB   
61  C  CG   . LEU   A 5 ? 0.13336 0.09099 0.14261 -0.05780 -0.03381 0.02401  6   LEU   A CG   
62  C  CD1  . LEU   A 5 ? 0.14513 0.10487 0.13701 -0.06884 -0.02681 0.02262  6   LEU   A CD1  
63  C  CD2  . LEU   A 5 ? 0.13516 0.11345 0.17325 -0.04789 -0.04158 0.03018  6   LEU   A CD2  
75  N  N    . AIB   A 6 ? 0.10573 0.07971 0.11408 -0.00054 -0.00751 0.03307  7   AIB   A N    
76  C  CA   . AIB   A 6 ? 0.10825 0.08909 0.12568 0.01062  -0.00636 0.01330  7   AIB   A CA   
77  C  C    . AIB   A 6 ? 0.08728 0.08212 0.09301 0.00729  -0.00109 -0.00280 7   AIB   A C    
78  O  O    . AIB   A 6 ? 0.09950 0.08235 0.10121 0.00458  0.00369  -0.00208 7   AIB   A O    
79  C  CB1  . AIB   A 6 ? 0.13986 0.08912 0.12272 0.00122  0.00024  0.00121  7   AIB   A CB1  
80  C  CB2  . AIB   A 6 ? 0.11392 0.12333 0.13722 0.01105  -0.00285 0.01592  7   AIB   A CB2  
88  N  N    . GLN   A 7 ? 0.07714 0.07355 0.07851 -0.01041 -0.00572 -0.00219 8   GLN   A N    
89  C  CA   . GLN   A 7 ? 0.07567 0.05307 0.08751 -0.02747 -0.01197 0.00162  8   GLN   A CA   
90  C  C    . GLN   A 7 ? 0.05800 0.05644 0.08645 -0.01743 -0.01437 -0.00433 8   GLN   A C    
91  O  O    . GLN   A 7 ? 0.07644 0.05099 0.08496 -0.02906 -0.00855 0.00216  8   GLN   A O    
92  C  CB   . GLN   A 7 ? 0.07348 0.07051 0.07959 -0.03683 -0.01717 0.01413  8   GLN   A CB   
93  C  CG   . GLN   A 7 ? 0.07072 0.06608 0.09404 -0.02899 -0.00987 0.00273  8   GLN   A CG   
94  C  CD   . GLN   A 7 ? 0.07181 0.06413 0.07399 -0.02251 -0.01197 0.00571  8   GLN   A CD   
95  O  OE1  . GLN   A 7 ? 0.07673 0.05956 0.08969 -0.03160 -0.00979 0.01036  8   GLN   A OE1  
96  N  NE2  . GLN   A 7 ? 0.09033 0.05699 0.10081 -0.00509 0.00349  0.01001  8   GLN   A NE2  
105 N  N    . AIB   A 8 ? 0.05638 0.05830 0.08994 -0.02818 -0.01205 0.00632  9   AIB   A N    
106 C  CA   . AIB   A 8 ? 0.06636 0.06761 0.11128 -0.02953 -0.01667 -0.00546 9   AIB   A CA   
107 C  C    . AIB   A 8 ? 0.08962 0.06319 0.11032 -0.03993 -0.01916 0.00066  9   AIB   A C    
108 O  O    . AIB   A 8 ? 0.09990 0.11199 0.10300 -0.04342 -0.03295 -0.00544 9   AIB   A O    
109 C  CB1  . AIB   A 8 ? 0.07553 0.08064 0.10077 -0.02762 -0.03359 -0.00403 9   AIB   A CB1  
110 C  CB2  . AIB   A 8 ? 0.06847 0.08700 0.11691 -0.03607 -0.01318 -0.02222 9   AIB   A CB2  
118 N  N    A LEU   A 9 ? 0.06695 0.05254 0.09544 -0.03057 -0.01693 0.00250  10  LEU   A N    
119 N  N    B LEU   A 9 ? 0.07910 0.07979 0.11442 -0.03197 0.00145  -0.01835 10  LEU   A N    
120 C  CA   A LEU   A 9 ? 0.08203 0.05735 0.11490 -0.03365 -0.00589 -0.01758 10  LEU   A CA   
121 C  CA   B LEU   A 9 ? 0.08377 0.09518 0.13323 -0.02717 0.01901  -0.03883 10  LEU   A CA   
122 C  C    A LEU   A 9 ? 0.08204 0.05885 0.10837 -0.03440 -0.00638 -0.01963 10  LEU   A C    
123 C  C    B LEU   A 9 ? 0.08253 0.09777 0.15274 -0.02257 0.03036  -0.04807 10  LEU   A C    
124 O  O    A LEU   A 9 ? 0.08396 0.06257 0.08715 -0.04205 -0.00516 -0.00406 10  LEU   A O    
125 O  O    B LEU   A 9 ? 0.08049 0.08673 0.14805 -0.01918 0.04203  -0.05778 10  LEU   A O    
126 C  CB   A LEU   A 9 ? 0.07418 0.07463 0.13495 -0.03814 0.00314  -0.01574 10  LEU   A CB   
127 C  CB   B LEU   A 9 ? 0.08073 0.11393 0.12979 -0.03447 0.02507  -0.03485 10  LEU   A CB   
128 C  CG   A LEU   A 9 ? 0.06942 0.07368 0.14183 -0.02996 -0.00479 -0.01775 10  LEU   A CG   
129 C  CG   B LEU   A 9 ? 0.09609 0.12875 0.12496 -0.04660 0.01887  -0.03030 10  LEU   A CG   
130 C  CD1  A LEU   A 9 ? 0.07994 0.06500 0.16401 -0.01774 -0.02467 -0.01038 10  LEU   A CD1  
131 C  CD1  B LEU   A 9 ? 0.11166 0.13788 0.13918 -0.04550 -0.00199 -0.03761 10  LEU   A CD1  
132 C  CD2  A LEU   A 9 ? 0.08685 0.07281 0.15049 -0.03518 -0.00832 -0.02287 10  LEU   A CD2  
133 C  CD2  B LEU   A 9 ? 0.10080 0.12568 0.13759 -0.05091 0.01906  -0.02621 10  LEU   A CD2  
156 C  C11  A I77   B . ? 0.10997 0.09571 0.13898 -0.05183 0.00074  0.00551  101 I77   A C11  
157 C  C11  B I77   B . ? 0.10254 0.14110 0.22162 -0.02537 -0.00196 -0.00716 101 I77   A C11  
158 C  C12  A I77   B . ? 0.10028 0.08557 0.13226 -0.04464 -0.00245 0.00144  101 I77   A C12  
159 C  C12  B I77   B . ? 0.10121 0.13869 0.22049 -0.02653 -0.00189 -0.00947 101 I77   A C12  
160 C  C13  A I77   B . ? 0.11076 0.08360 0.13113 -0.04827 -0.02849 0.00182  101 I77   A C13  
161 C  C13  B I77   B . ? 0.09657 0.13251 0.22212 -0.02687 0.00038  -0.01394 101 I77   A C13  
162 C  C17  A I77   B . ? 0.08285 0.07465 0.13008 -0.02488 0.01273  -0.01561 101 I77   A C17  
163 C  C17  B I77   B . ? 0.10321 0.13926 0.22021 -0.02554 -0.00490 -0.00874 101 I77   A C17  
164 C  C18  A I77   B . ? 0.08456 0.07438 0.13581 -0.02266 0.00876  -0.00821 101 I77   A C18  
165 C  C18  B I77   B . ? 0.10491 0.13486 0.21913 -0.02004 -0.00732 -0.01096 101 I77   A C18  
166 C  C02  A I77   B . ? 0.06836 0.09074 0.08693 -0.04222 -0.01579 -0.00664 101 I77   A C02  
167 C  C02  B I77   B . ? 0.11233 0.12869 0.13476 -0.00905 -0.04293 0.02380  101 I77   A C02  
168 C  C03  A I77   B . ? 0.07227 0.08584 0.09744 -0.04134 -0.00424 -0.00989 101 I77   A C03  
169 C  C03  B I77   B . ? 0.10651 0.13743 0.16170 -0.00654 -0.03140 0.00406  101 I77   A C03  
170 C  C04  A I77   B . ? 0.08540 0.08223 0.11839 -0.04704 0.00361  -0.00427 101 I77   A C04  
171 C  C04  B I77   B . ? 0.10681 0.12976 0.18624 -0.00410 -0.02430 -0.00293 101 I77   A C04  
172 C  C05  A I77   B . ? 0.08102 0.08102 0.13476 -0.03819 0.00830  -0.00653 101 I77   A C05  
173 C  C05  B I77   B . ? 0.10338 0.12367 0.20253 -0.00291 -0.01764 -0.00665 101 I77   A C05  
174 C  C06  A I77   B . ? 0.08360 0.07205 0.11084 -0.03560 -0.01078 -0.01895 101 I77   A C06  
175 C  C06  B I77   B . ? 0.11088 0.14405 0.17705 -0.00812 -0.02730 -0.00458 101 I77   A C06  
176 C  C08  A I77   B . ? 0.07679 0.08228 0.11893 -0.02755 0.00313  -0.01700 101 I77   A C08  
177 C  C08  B I77   B . ? 0.10369 0.13371 0.20461 -0.00772 -0.01474 -0.01034 101 I77   A C08  
178 C  C09  A I77   B . ? 0.08587 0.08882 0.13158 -0.02898 0.00729  -0.00774 101 I77   A C09  
179 C  C09  B I77   B . ? 0.10376 0.13331 0.21699 -0.01557 -0.00727 -0.01054 101 I77   A C09  
180 N  N01  A I77   B . ? 0.07649 0.09756 0.11776 -0.04548 -0.02298 -0.00454 101 I77   A N01  
181 N  N01  B I77   B . ? 0.11010 0.12484 0.13775 -0.00479 -0.04913 0.02847  101 I77   A N01  
182 N  N07  A I77   B . ? 0.09567 0.08691 0.11602 -0.04240 -0.01363 -0.00960 101 I77   A N07  
183 N  N07  B I77   B . ? 0.10834 0.14543 0.19423 -0.00970 -0.02164 -0.00841 101 I77   A N07  
184 N  N10  A I77   B . ? 0.10099 0.09997 0.14432 -0.04516 -0.00008 0.00586  101 I77   A N10  
185 N  N10  B I77   B . ? 0.10625 0.13543 0.22388 -0.01979 -0.00349 -0.00809 101 I77   A N10  
186 N  N14  A I77   B . ? 0.07278 0.06040 0.12083 -0.02964 -0.01643 -0.01316 101 I77   A N14  
187 N  N14  B I77   B . ? 0.08573 0.13704 0.19654 -0.02840 0.01213  -0.02273 101 I77   A N14  
188 N  N15  A I77   B . ? 0.07464 0.06027 0.10014 -0.03187 0.00005  -0.02437 101 I77   A N15  
189 N  N15  B I77   B . ? 0.07779 0.12703 0.17185 -0.02949 0.02476  -0.02991 101 I77   A N15  
190 O  O16  A I77   B . ? 0.13270 0.11727 0.18635 -0.06185 -0.04681 0.00787  101 I77   A O16  
191 O  O16  B I77   B . ? 0.09657 0.11170 0.25051 -0.01888 -0.00859 -0.01142 101 I77   A O16  
192 O  O19  A I77   B . ? 0.06798 0.09037 0.11335 -0.04053 -0.01947 -0.01302 101 I77   A O19  
193 O  O19  B I77   B . ? 0.11720 0.12364 0.10247 -0.01514 -0.04816 0.04086  101 I77   A O19  
214 C  C05  A I6W   C . ? 0.08594 0.08329 0.13520 -0.05074 0.00022  0.00006  102 I6W   A C05  
215 C  C05  B I6W   C . ? 0.10361 0.17298 0.14670 0.01070  0.02761  -0.06027 102 I6W   A C05  
216 C  C08  A I6W   C . ? 0.09052 0.09621 0.11960 -0.04931 -0.00260 -0.01644 102 I6W   A C08  
217 C  C08  B I6W   C . ? 0.10212 0.16829 0.14488 0.01480  0.03434  -0.06969 102 I6W   A C08  
218 C  C09  A I6W   C . ? 0.08950 0.09581 0.13382 -0.04382 0.00278  -0.02224 102 I6W   A C09  
219 C  C09  B I6W   C . ? 0.11361 0.17364 0.14646 0.00906  0.03741  -0.07603 102 I6W   A C09  
220 N  N10  A I6W   C . ? 0.11057 0.10554 0.11823 -0.05650 0.00320  -0.02959 102 I6W   A N10  
221 N  N10  B I6W   C . ? 0.12226 0.18028 0.15204 0.00378  0.03921  -0.08272 102 I6W   A N10  
222 C  C02  A I6W   C . ? 0.09540 0.09979 0.11984 -0.01296 -0.01432 -0.01067 102 I6W   A C02  
223 C  C02  B I6W   C . ? 0.08345 0.11810 0.12768 0.01491  0.00222  -0.02733 102 I6W   A C02  
224 C  C03  A I6W   C . ? 0.09074 0.08892 0.11618 -0.03964 -0.00753 0.00408  102 I6W   A C03  
225 C  C03  B I6W   C . ? 0.08971 0.14141 0.13497 0.01933  0.01866  -0.05222 102 I6W   A C03  
226 C  C04  A I6W   C . ? 0.10317 0.09724 0.11766 -0.05776 -0.00276 0.00633  102 I6W   A C04  
227 C  C04  B I6W   C . ? 0.10436 0.16405 0.14575 0.01079  0.01821  -0.05409 102 I6W   A C04  
228 C  C06  A I6W   C . ? 0.09330 0.07707 0.12480 -0.04063 -0.00172 -0.01273 102 I6W   A C06  
229 C  C06  B I6W   C . ? 0.09139 0.13878 0.12331 0.02230  0.02537  -0.05743 102 I6W   A C06  
230 C  C11  A I6W   C . ? 0.10599 0.10983 0.10657 -0.06194 0.01152  -0.02399 102 I6W   A C11  
231 C  C11  B I6W   C . ? 0.12223 0.19362 0.15856 0.00018  0.03983  -0.08820 102 I6W   A C11  
232 C  C12  A I6W   C . ? 0.10435 0.10784 0.13725 -0.05075 -0.00175 -0.02478 102 I6W   A C12  
233 C  C12  B I6W   C . ? 0.11605 0.19935 0.16898 0.00118  0.03649  -0.08899 102 I6W   A C12  
234 C  C13  A I6W   C . ? 0.12410 0.10454 0.14828 -0.05308 -0.00419 -0.01349 102 I6W   A C13  
235 C  C13  B I6W   C . ? 0.12581 0.21017 0.18832 -0.00923 0.02250  -0.08248 102 I6W   A C13  
236 C  C15  A I6W   C . ? 0.12605 0.12824 0.12736 -0.06394 0.02214  -0.03932 102 I6W   A C15  
237 C  C15  B I6W   C . ? 0.13772 0.23224 0.20976 -0.02177 0.00226  -0.07596 102 I6W   A C15  
238 C  C16  A I6W   C . ? 0.11178 0.12866 0.14900 -0.05517 0.01708  -0.04383 102 I6W   A C16  
239 C  C16  B I6W   C . ? 0.13558 0.23481 0.21198 -0.02068 0.00269  -0.07691 102 I6W   A C16  
240 C  C18  A I6W   C . ? 0.10151 0.09267 0.16387 -0.04282 -0.00827 -0.02495 102 I6W   A C18  
241 C  C18  B I6W   C . ? 0.11367 0.18935 0.16114 0.00611  0.03788  -0.08455 102 I6W   A C18  
242 C  C19  A I6W   C . ? 0.09319 0.10087 0.15386 -0.04761 0.00034  -0.01660 102 I6W   A C19  
243 C  C19  B I6W   C . ? 0.11089 0.17837 0.15366 0.00916  0.03750  -0.07813 102 I6W   A C19  
244 N  N07  A I6W   C . ? 0.09262 0.09795 0.12360 -0.04695 -0.00802 -0.01853 102 I6W   A N07  
245 N  N07  B I6W   C . ? 0.09671 0.15580 0.13889 0.01934  0.03124  -0.06363 102 I6W   A N07  
246 O  O01  A I6W   C . ? 0.09803 0.08589 0.12916 -0.00521 -0.00475 0.00058  102 I6W   A O01  
247 O  O01  B I6W   C . ? 0.08326 0.12448 0.12718 0.01469  -0.00540 -0.01184 102 I6W   A O01  
248 O  O14  A I6W   C . ? 0.12753 0.12191 0.13545 -0.06176 0.00438  -0.02764 102 I6W   A O14  
249 O  O14  B I6W   C . ? 0.13551 0.22502 0.20716 -0.01838 0.00670  -0.07597 102 I6W   A O14  
250 O  O17  A I6W   C . ? 0.13451 0.11218 0.16725 -0.04911 -0.02552 0.00981  102 I6W   A O17  
251 O  O17  B I6W   C . ? 0.13018 0.20227 0.18379 -0.00936 0.02266  -0.08415 102 I6W   A O17  
274 C  C01  A A1ATC D . ? 0.13751 0.12122 0.19320 -0.03416 -0.00421 -0.00688 103 A1ATC A C01  
275 C  C02  A A1ATC D . ? 0.13923 0.12502 0.18620 -0.04197 -0.00250 -0.00661 103 A1ATC A C02  
276 C  C04  A A1ATC D . ? 0.10571 0.11455 0.12810 -0.03519 -0.00060 -0.01477 103 A1ATC A C04  
277 C  C05  A A1ATC D . ? 0.11000 0.09733 0.10407 -0.04201 0.00374  -0.00686 103 A1ATC A C05  
278 C  C06  A A1ATC D . ? 0.10190 0.08916 0.09642 -0.04220 -0.00308 -0.00347 103 A1ATC A C06  
279 C  C07  A A1ATC D . ? 0.07108 0.08268 0.10991 -0.02567 -0.01240 -0.02345 103 A1ATC A C07  
280 C  C08  A A1ATC D . ? 0.06448 0.13490 0.09860 -0.03267 -0.00270 -0.04171 103 A1ATC A C08  
281 C  C09  A A1ATC D . ? 0.06086 0.14287 0.10276 -0.02798 0.00233  -0.04070 103 A1ATC A C09  
282 CL CL03 A A1ATC D . ? 0.18333 0.14034 0.20400 -0.06060 -0.00396 0.00418  103 A1ATC A CL03 
292 C  C01  B A1C1V E . ? 0.26659 0.28176 0.25506 0.01079  -0.00640 0.00998  104 A1C1V A C01  
293 C  C02  B A1C1V E . ? 0.27609 0.27827 0.26114 0.00439  -0.00559 0.01169  104 A1C1V A C02  
294 C  C04  B A1C1V E . ? 0.26087 0.26352 0.27067 0.00891  -0.00310 0.02447  104 A1C1V A C04  
295 C  C05  B A1C1V E . ? 0.25884 0.25955 0.27023 0.00731  -0.00217 0.03106  104 A1C1V A C05  
296 C  C06  B A1C1V E . ? 0.25739 0.25621 0.26775 0.00531  0.00363  0.03503  104 A1C1V A C06  
297 C  C07  B A1C1V E . ? 0.25689 0.25577 0.26717 0.00401  0.00689  0.03553  104 A1C1V A C07  
298 C  C08  B A1C1V E . ? 0.25768 0.25681 0.26944 0.00535  0.00506  0.03323  104 A1C1V A C08  
299 C  C09  B A1C1V E . ? 0.25601 0.25974 0.27108 0.00780  0.00243  0.02994  104 A1C1V A C09  
300 CL CL03 B A1C1V E . ? 0.30397 0.29297 0.25448 -0.01265 -0.00121 0.00394  104 A1C1V A CL03 
310 C  C01  . A1ATC F . ? 0.28152 0.22997 0.16491 0.09552  -0.01059 0.04856  105 A1ATC A C01  
311 C  C02  . A1ATC F . ? 0.27470 0.22177 0.17158 0.10492  -0.00538 0.04079  105 A1ATC A C02  
312 C  C04  . A1ATC F . ? 0.28982 0.22865 0.18140 0.09398  0.00784  0.05188  105 A1ATC A C04  
313 C  C05  . A1ATC F . ? 0.30017 0.24404 0.20295 0.08142  0.01652  0.05521  105 A1ATC A C05  
314 C  C06  . A1ATC F . ? 0.30631 0.24981 0.22289 0.07791  0.02206  0.05003  105 A1ATC A C06  
315 C  C07  . A1ATC F . ? 0.30814 0.25934 0.22765 0.07354  0.02814  0.04267  105 A1ATC A C07  
316 C  C08  . A1ATC F . ? 0.30150 0.25302 0.21784 0.07992  0.03046  0.03936  105 A1ATC A C08  
317 C  C09  . A1ATC F . ? 0.28975 0.23289 0.19744 0.09643  0.02050  0.04217  105 A1ATC A C09  
318 CL CL03 . A1ATC F . ? 0.26134 0.22869 0.16690 0.10768  -0.00660 0.02481  105 A1ATC A CL03 
# 
